data_7VTI
#
_entry.id   7VTI
#
_cell.length_a   78.434
_cell.length_b   95.452
_cell.length_c   125.283
_cell.angle_alpha   90.000
_cell.angle_beta   90.000
_cell.angle_gamma   90.000
#
_symmetry.space_group_name_H-M   'P 21 21 21'
#
loop_
_entity.id
_entity.type
_entity.pdbx_description
1 polymer Cas13bt3
2 polymer crRNA
3 non-polymer 'CHLORIDE ION'
4 non-polymer 1,2-ETHANEDIOL
5 non-polymer 'BROMIDE ION'
6 non-polymer 'MAGNESIUM ION'
7 water water
#
loop_
_entity_poly.entity_id
_entity_poly.type
_entity_poly.pdbx_seq_one_letter_code
_entity_poly.pdbx_strand_id
1 'polypeptide(L)'
;GG(MSE)AQVSKQTSKKRELSIDEYQGARKWCFTIAFNKALVNRDKNDGLFVESLLRHEKYSKHDWYDEDTRALIKCSTQ
AANAKAEALANYFSAYRHSPGCLTFTAEDELRTI(MSE)ERAYERAIFECRRRETEVIIEFPSLFEGDRITTAGVVFFVS
FFVERRVLDRLYGAVSGLKKNEGQYKLTRKALS(MSE)YCLKDSRFTKAWDKRVLLFRDILAQLGRIPAEAYEYYHGEQG
DKKRANDNEGTNPKRHKDKFIEFALHYLEAQHSEICFGRRHIVREEAGAGDEHKKHRTKGKVVVDFSKKDEDQSYYISKN
NVIVRIDKNAGPRSYR(MSE)GLNELKYLVLLSLQGKGDDAIAKLYRYRQHVENILDVVKVTDKDNHVFLPRFVLEQHGI
GRKAFKQRIDGRVKHVRGVWEKKKAATNE(MSE)TLHEKARDILQYVNENCTRSFNPGEYNRLLVCLVGKDVENFQAGLK
RLQLAERIDGRVYSIFAQTSTINE(MSE)HQVVCDQILNRLCRIGDQKLYDYVGLGKKDEIDYKQKVAWFKEHISIRRGF
LRKKFWYDSKKGFAKLVEEHLESGGGQRDVGLDKKYYHIDAIGRFEGANPALYETLARDRLCL(MSE)(MSE)AQYFLGS
VRKELGNKIVWSNDSIELPVEGSVGNEKSIVFSVSDYGKLYVLDDAEFLGRICEYF(MSE)PHEKGKIRYHTVYEKGFRA
YNDLQKKCVEAVLAFEEKVVKAKK(MSE)SEKEGAHYIDFREILAQT(MSE)CKEAEKTAVNKVARAFFAHHLKFVIDEF
GLFSDV(MSE)KKYGIEKEWKFPVK
;
A
2 'polyribonucleotide' UGUAUGCUGGAGCAGCCCCCGAUUUGUGGGGUGAUUACAGC B
#
loop_
_chem_comp.id
_chem_comp.type
_chem_comp.name
_chem_comp.formula
A RNA linking ADENOSINE-5'-MONOPHOSPHATE 'C10 H14 N5 O7 P'
BR non-polymer 'BROMIDE ION' 'Br -1'
C RNA linking CYTIDINE-5'-MONOPHOSPHATE 'C9 H14 N3 O8 P'
CL non-polymer 'CHLORIDE ION' 'Cl -1'
EDO non-polymer 1,2-ETHANEDIOL 'C2 H6 O2'
G RNA linking GUANOSINE-5'-MONOPHOSPHATE 'C10 H14 N5 O8 P'
MG non-polymer 'MAGNESIUM ION' 'Mg 2'
U RNA linking URIDINE-5'-MONOPHOSPHATE 'C9 H13 N2 O9 P'
#
# COMPACT_ATOMS: atom_id res chain seq x y z
N LEU A 16 29.74 -11.76 0.74
CA LEU A 16 29.20 -10.46 1.23
C LEU A 16 29.20 -9.42 0.09
N SER A 17 30.35 -9.07 -0.49
CA SER A 17 30.38 -8.08 -1.61
C SER A 17 29.77 -8.72 -2.87
N ILE A 18 29.27 -7.92 -3.81
CA ILE A 18 28.54 -8.45 -5.00
C ILE A 18 29.51 -9.25 -5.89
N ASP A 19 30.80 -8.91 -5.87
CA ASP A 19 31.91 -9.59 -6.62
C ASP A 19 32.07 -11.03 -6.13
N GLU A 20 31.70 -11.34 -4.89
CA GLU A 20 31.90 -12.70 -4.30
C GLU A 20 30.86 -13.70 -4.79
N TYR A 21 29.83 -13.29 -5.54
CA TYR A 21 28.81 -14.20 -6.15
C TYR A 21 29.29 -14.60 -7.56
N GLN A 22 29.89 -15.78 -7.65
CA GLN A 22 30.46 -16.37 -8.89
C GLN A 22 29.91 -17.79 -9.09
N GLY A 23 29.76 -18.18 -10.36
CA GLY A 23 29.18 -19.47 -10.77
C GLY A 23 27.82 -19.72 -10.13
N ALA A 24 27.65 -20.86 -9.46
CA ALA A 24 26.34 -21.33 -8.95
C ALA A 24 25.77 -20.42 -7.83
N ARG A 25 26.61 -19.62 -7.15
CA ARG A 25 26.22 -18.71 -6.05
C ARG A 25 25.38 -17.52 -6.56
N LYS A 26 25.49 -17.21 -7.84
CA LYS A 26 24.70 -16.18 -8.53
C LYS A 26 23.21 -16.54 -8.60
N TRP A 27 22.81 -17.77 -8.25
CA TRP A 27 21.47 -18.32 -8.63
C TRP A 27 20.31 -17.42 -8.16
N CYS A 28 20.33 -16.94 -6.91
CA CYS A 28 19.22 -16.15 -6.31
C CYS A 28 19.02 -14.86 -7.12
N PHE A 29 20.10 -14.23 -7.58
CA PHE A 29 20.09 -13.05 -8.50
C PHE A 29 19.62 -13.45 -9.91
N THR A 30 20.06 -14.61 -10.40
CA THR A 30 19.60 -15.12 -11.73
C THR A 30 18.05 -15.13 -11.72
N ILE A 31 17.45 -15.70 -10.69
CA ILE A 31 15.97 -15.92 -10.59
C ILE A 31 15.29 -14.54 -10.56
N ALA A 32 15.77 -13.61 -9.71
CA ALA A 32 15.19 -12.27 -9.57
C ALA A 32 15.30 -11.49 -10.88
N PHE A 33 16.47 -11.47 -11.50
CA PHE A 33 16.66 -10.60 -12.70
C PHE A 33 15.90 -11.18 -13.90
N ASN A 34 15.79 -12.52 -14.01
CA ASN A 34 15.04 -13.15 -15.13
C ASN A 34 13.58 -12.78 -14.89
N LYS A 35 13.10 -12.83 -13.64
CA LYS A 35 11.71 -12.36 -13.39
C LYS A 35 11.55 -10.89 -13.76
N ALA A 36 12.56 -10.04 -13.49
CA ALA A 36 12.48 -8.63 -13.87
C ALA A 36 12.27 -8.51 -15.39
N LEU A 37 12.99 -9.33 -16.17
CA LEU A 37 12.86 -9.32 -17.65
C LEU A 37 11.50 -9.95 -18.02
N VAL A 38 11.12 -11.09 -17.40
CA VAL A 38 9.73 -11.65 -17.56
C VAL A 38 8.76 -10.49 -17.44
N ASN A 39 8.86 -9.68 -16.36
CA ASN A 39 7.90 -8.58 -16.04
C ASN A 39 8.14 -7.37 -16.91
N ARG A 40 9.37 -7.05 -17.28
CA ARG A 40 9.59 -5.93 -18.26
C ARG A 40 8.99 -6.32 -19.65
N ASP A 41 8.84 -7.61 -20.00
CA ASP A 41 8.18 -8.04 -21.27
C ASP A 41 6.65 -7.93 -21.17
N LYS A 42 6.09 -7.95 -19.95
CA LYS A 42 4.64 -7.70 -19.67
C LYS A 42 4.38 -6.19 -19.63
N ASN A 43 5.38 -5.41 -19.24
CA ASN A 43 5.25 -3.93 -19.08
C ASN A 43 6.66 -3.33 -19.03
N ASP A 44 7.00 -2.51 -20.03
CA ASP A 44 8.34 -1.89 -20.19
C ASP A 44 8.43 -0.58 -19.37
N GLY A 45 7.34 -0.22 -18.69
CA GLY A 45 7.21 1.07 -18.01
C GLY A 45 7.49 0.98 -16.51
N LEU A 46 7.87 -0.20 -16.00
CA LEU A 46 7.80 -0.58 -14.57
C LEU A 46 8.77 0.27 -13.74
N PHE A 47 9.94 0.66 -14.26
CA PHE A 47 10.92 1.46 -13.48
C PHE A 47 10.25 2.77 -13.02
N VAL A 48 9.68 3.52 -13.94
CA VAL A 48 9.09 4.86 -13.62
C VAL A 48 7.76 4.64 -12.87
N GLU A 49 6.92 3.71 -13.31
CA GLU A 49 5.66 3.36 -12.61
C GLU A 49 5.96 3.15 -11.11
N SER A 50 6.95 2.32 -10.79
CA SER A 50 7.30 1.91 -9.40
C SER A 50 7.84 3.10 -8.60
N LEU A 51 8.76 3.87 -9.19
CA LEU A 51 9.34 5.09 -8.58
C LEU A 51 8.23 6.10 -8.23
N LEU A 52 7.16 6.21 -9.01
CA LEU A 52 6.15 7.29 -8.82
C LEU A 52 4.89 6.77 -8.09
N ARG A 53 4.76 5.46 -7.86
CA ARG A 53 3.53 4.80 -7.33
C ARG A 53 3.10 5.55 -6.06
N HIS A 54 4.00 5.73 -5.09
CA HIS A 54 3.65 6.30 -3.76
C HIS A 54 3.38 7.80 -3.89
N GLU A 55 4.14 8.48 -4.74
CA GLU A 55 4.08 9.96 -4.87
C GLU A 55 2.74 10.42 -5.46
N LYS A 56 2.03 9.60 -6.23
CA LYS A 56 0.63 9.90 -6.62
C LYS A 56 -0.27 10.12 -5.37
N TYR A 57 0.00 9.44 -4.24
CA TYR A 57 -0.80 9.54 -2.97
C TYR A 57 -0.29 10.65 -2.05
N SER A 58 0.78 11.37 -2.42
CA SER A 58 1.44 12.35 -1.54
C SER A 58 1.23 13.76 -2.09
N LYS A 59 0.61 14.65 -1.30
CA LYS A 59 0.64 16.11 -1.53
C LYS A 59 2.12 16.47 -1.57
N HIS A 60 2.91 15.95 -0.62
CA HIS A 60 4.36 16.29 -0.46
C HIS A 60 5.14 15.57 -1.57
N ASP A 61 6.04 16.30 -2.23
CA ASP A 61 6.90 15.75 -3.31
C ASP A 61 7.82 14.71 -2.68
N TRP A 62 7.80 13.47 -3.18
CA TRP A 62 8.79 12.42 -2.84
C TRP A 62 10.15 12.83 -3.41
N TYR A 63 10.13 13.52 -4.54
CA TYR A 63 11.34 13.94 -5.30
C TYR A 63 11.29 15.45 -5.54
N ASP A 64 12.46 16.09 -5.49
CA ASP A 64 12.68 17.49 -5.95
C ASP A 64 12.49 17.51 -7.47
N GLU A 65 12.65 18.67 -8.12
CA GLU A 65 12.16 18.87 -9.51
C GLU A 65 13.10 18.20 -10.51
N ASP A 66 14.41 18.37 -10.33
CA ASP A 66 15.45 17.75 -11.21
C ASP A 66 15.41 16.23 -11.04
N THR A 67 15.22 15.68 -9.83
CA THR A 67 15.10 14.21 -9.66
C THR A 67 13.91 13.72 -10.49
N ARG A 68 12.73 14.35 -10.33
CA ARG A 68 11.53 13.98 -11.12
C ARG A 68 11.86 14.00 -12.62
N ALA A 69 12.64 14.99 -13.08
CA ALA A 69 13.02 15.11 -14.52
C ALA A 69 13.83 13.88 -14.96
N LEU A 70 14.85 13.50 -14.16
CA LEU A 70 15.74 12.33 -14.41
C LEU A 70 14.88 11.07 -14.48
N ILE A 71 13.93 10.94 -13.56
CA ILE A 71 13.08 9.72 -13.52
C ILE A 71 12.34 9.61 -14.85
N LYS A 72 11.79 10.73 -15.37
CA LYS A 72 10.93 10.73 -16.58
C LYS A 72 11.72 10.25 -17.80
N CYS A 73 13.04 10.52 -17.85
CA CYS A 73 13.93 10.18 -18.99
C CYS A 73 14.53 8.77 -18.91
N SER A 74 14.33 8.03 -17.81
CA SER A 74 15.25 6.93 -17.41
C SER A 74 14.85 5.54 -17.93
N THR A 75 13.73 5.37 -18.66
CA THR A 75 13.20 4.01 -18.94
C THR A 75 14.23 3.17 -19.72
N GLN A 76 14.80 3.74 -20.78
CA GLN A 76 15.73 3.01 -21.69
C GLN A 76 17.00 2.65 -20.88
N ALA A 77 17.59 3.62 -20.18
CA ALA A 77 18.77 3.41 -19.29
C ALA A 77 18.48 2.27 -18.30
N ALA A 78 17.39 2.37 -17.56
CA ALA A 78 17.01 1.40 -16.50
C ALA A 78 16.72 0.03 -17.11
N ASN A 79 16.05 -0.01 -18.25
CA ASN A 79 15.71 -1.27 -18.94
C ASN A 79 16.99 -1.93 -19.47
N ALA A 80 17.97 -1.12 -19.92
CA ALA A 80 19.27 -1.58 -20.45
C ALA A 80 20.12 -2.12 -19.31
N LYS A 81 20.11 -1.43 -18.15
CA LYS A 81 20.82 -1.88 -16.93
C LYS A 81 20.17 -3.17 -16.44
N ALA A 82 18.83 -3.28 -16.47
CA ALA A 82 18.12 -4.50 -16.04
C ALA A 82 18.60 -5.68 -16.90
N GLU A 83 18.76 -5.49 -18.21
CA GLU A 83 19.15 -6.58 -19.13
C GLU A 83 20.63 -6.95 -18.89
N ALA A 84 21.51 -5.95 -18.74
CA ALA A 84 22.96 -6.14 -18.47
C ALA A 84 23.11 -6.98 -17.21
N LEU A 85 22.42 -6.61 -16.13
CA LEU A 85 22.63 -7.33 -14.86
C LEU A 85 22.04 -8.74 -14.97
N ALA A 86 20.95 -8.92 -15.72
CA ALA A 86 20.33 -10.24 -15.95
C ALA A 86 21.33 -11.12 -16.72
N ASN A 87 21.96 -10.57 -17.76
CA ASN A 87 23.06 -11.22 -18.52
C ASN A 87 24.20 -11.57 -17.58
N TYR A 88 24.67 -10.60 -16.78
CA TYR A 88 25.78 -10.80 -15.81
C TYR A 88 25.44 -11.92 -14.85
N PHE A 89 24.22 -11.96 -14.34
CA PHE A 89 23.85 -12.92 -13.27
C PHE A 89 23.43 -14.27 -13.87
N SER A 90 23.17 -14.32 -15.17
CA SER A 90 22.68 -15.55 -15.86
C SER A 90 23.85 -16.28 -16.58
N ALA A 91 25.06 -15.71 -16.58
CA ALA A 91 26.29 -16.29 -17.20
C ALA A 91 27.30 -16.64 -16.10
N TYR A 92 28.15 -17.65 -16.33
CA TYR A 92 29.27 -18.01 -15.40
C TYR A 92 30.22 -16.82 -15.29
N ARG A 93 30.64 -16.33 -16.46
CA ARG A 93 31.62 -15.22 -16.60
C ARG A 93 31.04 -14.19 -17.57
N HIS A 94 30.94 -12.96 -17.09
CA HIS A 94 30.47 -11.75 -17.81
C HIS A 94 31.41 -10.63 -17.38
N SER A 95 31.68 -9.63 -18.23
CA SER A 95 32.53 -8.46 -17.89
C SER A 95 31.96 -7.75 -16.67
N PRO A 96 32.78 -7.31 -15.67
CA PRO A 96 32.25 -6.69 -14.44
C PRO A 96 31.73 -5.27 -14.66
N GLY A 97 31.97 -4.66 -15.83
CA GLY A 97 31.64 -3.26 -16.16
C GLY A 97 30.24 -2.87 -15.74
N CYS A 98 29.26 -3.75 -15.95
CA CYS A 98 27.83 -3.48 -15.66
C CYS A 98 27.61 -3.18 -14.16
N LEU A 99 28.54 -3.58 -13.26
CA LEU A 99 28.43 -3.34 -11.79
C LEU A 99 28.96 -1.96 -11.38
N THR A 100 29.47 -1.18 -12.33
CA THR A 100 30.01 0.17 -12.11
C THR A 100 28.91 1.18 -12.45
N PHE A 101 28.54 2.00 -11.48
CA PHE A 101 27.76 3.25 -11.64
C PHE A 101 28.65 4.38 -11.13
N THR A 102 29.03 5.33 -12.01
CA THR A 102 29.80 6.56 -11.63
C THR A 102 28.90 7.47 -10.79
N ALA A 103 29.49 8.45 -10.08
CA ALA A 103 28.77 9.54 -9.35
C ALA A 103 27.81 10.25 -10.31
N GLU A 104 28.27 10.46 -11.55
CA GLU A 104 27.53 10.94 -12.76
C GLU A 104 26.15 10.26 -12.90
N ASP A 105 26.14 8.94 -12.77
CA ASP A 105 25.12 8.02 -13.36
C ASP A 105 23.69 8.45 -12.94
N GLU A 106 22.81 8.68 -13.92
CA GLU A 106 21.37 9.02 -13.72
C GLU A 106 20.72 8.03 -12.77
N LEU A 107 20.94 6.73 -13.02
CA LEU A 107 20.31 5.61 -12.27
C LEU A 107 20.76 5.64 -10.80
N ARG A 108 22.04 5.92 -10.55
CA ARG A 108 22.57 6.05 -9.18
C ARG A 108 21.91 7.20 -8.41
N THR A 109 21.81 8.39 -9.00
CA THR A 109 21.14 9.59 -8.40
C THR A 109 19.70 9.22 -8.03
N ILE A 110 18.96 8.73 -9.01
CA ILE A 110 17.55 8.25 -8.84
C ILE A 110 17.47 7.28 -7.67
N MSE A 111 18.30 6.23 -7.67
CA MSE A 111 18.30 5.17 -6.64
C MSE A 111 18.62 5.79 -5.26
O MSE A 111 17.85 5.56 -4.34
CB MSE A 111 19.27 4.06 -7.01
CG MSE A 111 18.78 3.15 -8.12
SE MSE A 111 20.31 2.04 -8.66
CE MSE A 111 20.63 0.94 -7.06
N GLU A 112 19.67 6.59 -5.12
CA GLU A 112 20.03 7.24 -3.83
C GLU A 112 18.84 8.10 -3.34
N ARG A 113 18.16 8.87 -4.20
CA ARG A 113 17.02 9.71 -3.76
C ARG A 113 15.86 8.81 -3.34
N ALA A 114 15.54 7.80 -4.15
CA ALA A 114 14.39 6.92 -3.85
C ALA A 114 14.67 6.21 -2.51
N TYR A 115 15.91 5.79 -2.28
CA TYR A 115 16.30 5.03 -1.05
C TYR A 115 16.23 5.95 0.18
N GLU A 116 16.75 7.17 0.11
CA GLU A 116 16.73 8.12 1.26
C GLU A 116 15.27 8.45 1.56
N ARG A 117 14.44 8.62 0.53
CA ARG A 117 12.99 8.80 0.71
C ARG A 117 12.37 7.57 1.40
N ALA A 118 12.70 6.33 1.01
CA ALA A 118 12.09 5.11 1.61
C ALA A 118 12.49 5.00 3.10
N ILE A 119 13.73 5.33 3.39
CA ILE A 119 14.27 5.29 4.78
C ILE A 119 13.52 6.29 5.67
N PHE A 120 13.34 7.52 5.18
CA PHE A 120 12.57 8.58 5.86
C PHE A 120 11.14 8.07 6.10
N GLU A 121 10.53 7.49 5.07
CA GLU A 121 9.16 6.92 5.18
C GLU A 121 9.09 5.79 6.22
N CYS A 122 10.10 4.93 6.31
CA CYS A 122 10.19 3.88 7.37
C CYS A 122 10.38 4.54 8.75
N ARG A 123 11.41 5.39 8.91
CA ARG A 123 11.85 5.94 10.22
C ARG A 123 10.75 6.76 10.86
N ARG A 124 10.06 7.60 10.08
CA ARG A 124 9.08 8.55 10.65
C ARG A 124 7.86 7.79 11.16
N ARG A 125 7.60 6.54 10.75
CA ARG A 125 6.48 5.74 11.33
C ARG A 125 6.92 4.90 12.55
N GLU A 126 8.22 4.89 12.88
CA GLU A 126 8.77 4.20 14.09
C GLU A 126 8.76 5.16 15.28
N THR A 127 8.88 4.68 16.52
CA THR A 127 8.89 5.57 17.72
C THR A 127 10.32 6.01 18.03
N GLU A 128 11.33 5.27 17.57
CA GLU A 128 12.76 5.65 17.72
C GLU A 128 13.60 5.04 16.60
N VAL A 129 14.74 5.66 16.31
CA VAL A 129 15.72 5.22 15.28
C VAL A 129 16.68 4.23 15.95
N ILE A 130 16.58 2.95 15.60
CA ILE A 130 17.36 1.82 16.20
C ILE A 130 18.56 1.44 15.31
N ILE A 131 18.43 1.44 13.97
CA ILE A 131 19.42 0.81 13.04
C ILE A 131 19.87 1.81 11.99
N GLU A 132 21.05 1.55 11.45
CA GLU A 132 21.54 2.12 10.17
C GLU A 132 21.09 1.21 9.02
N PHE A 133 21.08 1.75 7.82
CA PHE A 133 20.66 1.06 6.57
C PHE A 133 21.92 0.82 5.75
N PRO A 134 22.00 -0.28 4.97
CA PRO A 134 23.16 -0.55 4.13
C PRO A 134 23.28 0.48 3.00
N SER A 135 24.51 0.86 2.65
CA SER A 135 24.85 1.62 1.44
C SER A 135 24.54 0.81 0.16
N LEU A 136 24.05 1.49 -0.86
CA LEU A 136 23.73 0.94 -2.19
C LEU A 136 25.01 0.89 -3.03
N PHE A 137 26.01 1.70 -2.67
CA PHE A 137 27.26 1.89 -3.46
C PHE A 137 28.46 1.91 -2.51
N GLU A 138 29.62 1.46 -3.00
CA GLU A 138 30.97 1.60 -2.40
C GLU A 138 31.93 2.06 -3.51
N GLY A 139 32.40 3.30 -3.42
CA GLY A 139 33.04 4.01 -4.54
C GLY A 139 32.03 4.10 -5.67
N ASP A 140 32.41 3.66 -6.87
CA ASP A 140 31.52 3.67 -8.06
C ASP A 140 31.04 2.23 -8.33
N ARG A 141 30.98 1.37 -7.31
CA ARG A 141 30.52 -0.04 -7.45
C ARG A 141 29.24 -0.28 -6.64
N ILE A 142 28.21 -0.85 -7.29
CA ILE A 142 26.95 -1.30 -6.63
C ILE A 142 27.27 -2.38 -5.59
N THR A 143 26.57 -2.34 -4.46
CA THR A 143 26.66 -3.35 -3.39
C THR A 143 25.56 -4.38 -3.63
N THR A 144 25.55 -5.42 -2.82
CA THR A 144 24.43 -6.39 -2.77
C THR A 144 23.11 -5.67 -2.48
N ALA A 145 23.06 -4.80 -1.45
CA ALA A 145 21.86 -3.99 -1.13
C ALA A 145 21.45 -3.11 -2.34
N GLY A 146 22.41 -2.53 -3.04
CA GLY A 146 22.12 -1.75 -4.26
C GLY A 146 21.47 -2.57 -5.36
N VAL A 147 21.92 -3.82 -5.52
CA VAL A 147 21.42 -4.71 -6.58
C VAL A 147 20.00 -5.12 -6.20
N VAL A 148 19.79 -5.46 -4.92
CA VAL A 148 18.44 -5.79 -4.40
C VAL A 148 17.51 -4.59 -4.63
N PHE A 149 17.96 -3.37 -4.35
CA PHE A 149 17.15 -2.15 -4.51
C PHE A 149 16.77 -1.93 -5.99
N PHE A 150 17.75 -2.05 -6.90
CA PHE A 150 17.52 -1.84 -8.35
C PHE A 150 16.44 -2.82 -8.84
N VAL A 151 16.49 -4.09 -8.44
CA VAL A 151 15.60 -5.14 -9.01
C VAL A 151 14.18 -4.95 -8.46
N SER A 152 14.05 -4.46 -7.21
CA SER A 152 12.76 -4.25 -6.52
C SER A 152 11.72 -3.58 -7.45
N PHE A 153 12.14 -2.58 -8.24
CA PHE A 153 11.28 -1.79 -9.18
C PHE A 153 10.55 -2.68 -10.20
N PHE A 154 11.01 -3.90 -10.46
CA PHE A 154 10.55 -4.72 -11.60
C PHE A 154 9.78 -5.94 -11.12
N VAL A 155 9.72 -6.20 -9.81
CA VAL A 155 9.30 -7.54 -9.32
C VAL A 155 8.27 -7.42 -8.23
N GLU A 156 7.46 -8.46 -8.10
CA GLU A 156 6.46 -8.64 -7.02
C GLU A 156 7.21 -8.79 -5.70
N ARG A 157 6.53 -8.42 -4.60
CA ARG A 157 7.08 -8.45 -3.24
C ARG A 157 7.67 -9.83 -2.96
N ARG A 158 6.98 -10.90 -3.34
CA ARG A 158 7.41 -12.29 -3.01
C ARG A 158 8.76 -12.62 -3.70
N VAL A 159 9.00 -12.15 -4.92
CA VAL A 159 10.31 -12.35 -5.62
C VAL A 159 11.41 -11.63 -4.82
N LEU A 160 11.17 -10.38 -4.42
CA LEU A 160 12.23 -9.56 -3.77
C LEU A 160 12.51 -10.11 -2.36
N ASP A 161 11.48 -10.53 -1.64
CA ASP A 161 11.64 -11.18 -0.31
C ASP A 161 12.48 -12.45 -0.46
N ARG A 162 12.24 -13.22 -1.52
CA ARG A 162 13.00 -14.46 -1.75
C ARG A 162 14.47 -14.10 -2.00
N LEU A 163 14.75 -13.08 -2.84
CA LEU A 163 16.14 -12.66 -3.09
C LEU A 163 16.74 -12.18 -1.77
N TYR A 164 16.06 -11.29 -1.04
CA TYR A 164 16.69 -10.60 0.13
C TYR A 164 16.98 -11.64 1.22
N GLY A 165 16.04 -12.54 1.44
CA GLY A 165 16.18 -13.73 2.31
C GLY A 165 17.43 -14.54 1.99
N ALA A 166 17.84 -14.64 0.73
CA ALA A 166 19.05 -15.41 0.35
C ALA A 166 20.30 -14.59 0.62
N VAL A 167 20.31 -13.27 0.41
CA VAL A 167 21.59 -12.52 0.34
C VAL A 167 21.84 -11.62 1.57
N SER A 168 20.84 -11.38 2.43
CA SER A 168 20.95 -10.48 3.62
C SER A 168 21.99 -11.06 4.58
N GLY A 169 22.89 -10.25 5.09
CA GLY A 169 23.69 -10.61 6.28
C GLY A 169 22.98 -10.28 7.58
N LEU A 170 21.70 -9.86 7.58
CA LEU A 170 21.13 -9.22 8.79
C LEU A 170 20.17 -10.11 9.59
N LYS A 171 19.97 -11.38 9.23
CA LYS A 171 18.83 -12.15 9.79
C LYS A 171 19.06 -12.51 11.26
N LYS A 172 20.30 -12.38 11.76
CA LYS A 172 20.61 -12.55 13.21
C LYS A 172 19.69 -11.65 14.04
N ASN A 173 19.46 -10.39 13.62
CA ASN A 173 18.57 -9.40 14.28
C ASN A 173 17.26 -9.30 13.48
N GLU A 174 16.19 -9.95 13.96
CA GLU A 174 14.89 -9.97 13.23
C GLU A 174 14.41 -8.53 12.92
N GLY A 175 14.48 -7.60 13.90
CA GLY A 175 13.98 -6.20 13.81
C GLY A 175 14.74 -5.43 12.73
N GLN A 176 16.06 -5.57 12.72
CA GLN A 176 16.94 -4.91 11.72
C GLN A 176 16.66 -5.52 10.33
N TYR A 177 16.56 -6.83 10.24
CA TYR A 177 16.35 -7.55 8.95
C TYR A 177 15.07 -7.00 8.28
N LYS A 178 14.01 -6.91 9.06
CA LYS A 178 12.63 -6.56 8.56
C LYS A 178 12.54 -5.06 8.25
N LEU A 179 13.16 -4.21 9.05
CA LEU A 179 13.15 -2.76 8.75
C LEU A 179 14.00 -2.48 7.51
N THR A 180 15.17 -3.12 7.38
CA THR A 180 16.05 -2.98 6.18
C THR A 180 15.27 -3.46 4.95
N ARG A 181 14.58 -4.60 5.08
CA ARG A 181 13.76 -5.20 4.00
C ARG A 181 12.67 -4.22 3.59
N LYS A 182 12.04 -3.56 4.57
CA LYS A 182 10.94 -2.58 4.36
C LYS A 182 11.42 -1.46 3.44
N ALA A 183 12.57 -0.85 3.74
CA ALA A 183 13.20 0.21 2.93
C ALA A 183 13.53 -0.34 1.54
N LEU A 184 14.23 -1.49 1.46
CA LEU A 184 14.75 -1.98 0.17
C LEU A 184 13.58 -2.37 -0.74
N SER A 185 12.43 -2.71 -0.17
CA SER A 185 11.27 -3.28 -0.91
C SER A 185 10.14 -2.24 -1.03
N MSE A 186 10.42 -0.97 -0.73
CA MSE A 186 9.41 0.12 -0.72
C MSE A 186 8.68 0.19 -2.07
O MSE A 186 7.44 0.40 -2.07
CB MSE A 186 10.12 1.45 -0.44
CG MSE A 186 9.24 2.68 -0.56
SE MSE A 186 8.10 2.91 1.02
CE MSE A 186 8.97 2.32 2.68
N TYR A 187 9.41 0.01 -3.19
CA TYR A 187 8.92 0.28 -4.58
C TYR A 187 8.54 -1.00 -5.37
N CYS A 188 8.49 -2.15 -4.71
N CYS A 188 8.48 -2.16 -4.71
CA CYS A 188 8.06 -3.43 -5.34
CA CYS A 188 8.15 -3.46 -5.35
C CYS A 188 6.62 -3.37 -5.84
C CYS A 188 6.64 -3.53 -5.70
N LEU A 189 6.31 -4.29 -6.74
CA LEU A 189 4.94 -4.49 -7.26
C LEU A 189 4.13 -5.32 -6.24
N LYS A 190 2.81 -5.15 -6.18
CA LYS A 190 1.94 -6.07 -5.40
C LYS A 190 2.01 -7.48 -6.04
N ASP A 191 1.90 -8.52 -5.22
CA ASP A 191 1.93 -9.94 -5.69
C ASP A 191 0.88 -10.20 -6.78
N SER A 192 -0.21 -9.42 -6.78
CA SER A 192 -1.35 -9.55 -7.73
C SER A 192 -1.26 -8.54 -8.89
N ARG A 193 -0.08 -7.99 -9.17
CA ARG A 193 0.10 -6.84 -10.12
C ARG A 193 -0.38 -7.20 -11.53
N PHE A 194 -0.05 -8.38 -12.03
CA PHE A 194 -0.34 -8.82 -13.43
C PHE A 194 -1.53 -9.80 -13.41
N THR A 195 -2.50 -9.53 -14.27
CA THR A 195 -3.63 -10.47 -14.54
C THR A 195 -4.06 -10.32 -16.00
N LYS A 196 -4.63 -11.38 -16.56
CA LYS A 196 -5.32 -11.38 -17.89
C LYS A 196 -6.81 -11.06 -17.73
N ALA A 197 -7.37 -11.13 -16.51
CA ALA A 197 -8.81 -10.86 -16.24
C ALA A 197 -9.19 -9.49 -16.83
N TRP A 198 -10.24 -9.43 -17.65
CA TRP A 198 -10.72 -8.17 -18.28
C TRP A 198 -11.86 -7.55 -17.46
N ASP A 199 -12.61 -8.37 -16.71
CA ASP A 199 -13.79 -7.92 -15.92
C ASP A 199 -13.26 -7.49 -14.55
N LYS A 200 -13.19 -6.19 -14.28
CA LYS A 200 -12.73 -5.63 -12.98
C LYS A 200 -13.61 -6.17 -11.82
N ARG A 201 -14.85 -6.62 -12.08
CA ARG A 201 -15.73 -7.21 -11.04
C ARG A 201 -15.12 -8.51 -10.53
N VAL A 202 -14.36 -9.24 -11.38
CA VAL A 202 -13.61 -10.46 -11.00
C VAL A 202 -12.54 -10.06 -9.99
N LEU A 203 -11.77 -9.01 -10.29
CA LEU A 203 -10.67 -8.55 -9.41
C LEU A 203 -11.19 -7.93 -8.11
N LEU A 204 -12.32 -7.22 -8.16
CA LEU A 204 -12.95 -6.64 -6.94
C LEU A 204 -13.47 -7.77 -6.05
N PHE A 205 -14.09 -8.78 -6.64
CA PHE A 205 -14.51 -10.00 -5.91
C PHE A 205 -13.31 -10.56 -5.13
N ARG A 206 -12.17 -10.79 -5.79
CA ARG A 206 -10.96 -11.35 -5.09
C ARG A 206 -10.48 -10.40 -3.99
N ASP A 207 -10.38 -9.11 -4.30
CA ASP A 207 -9.87 -8.06 -3.38
C ASP A 207 -10.74 -8.00 -2.11
N ILE A 208 -12.06 -8.05 -2.25
CA ILE A 208 -12.99 -8.03 -1.09
C ILE A 208 -12.75 -9.29 -0.27
N LEU A 209 -12.73 -10.46 -0.88
CA LEU A 209 -12.47 -11.74 -0.15
C LEU A 209 -11.12 -11.70 0.57
N ALA A 210 -10.04 -11.22 -0.07
CA ALA A 210 -8.70 -11.12 0.56
C ALA A 210 -8.79 -10.22 1.80
N GLN A 211 -9.39 -9.03 1.66
CA GLN A 211 -9.53 -8.08 2.78
C GLN A 211 -10.36 -8.68 3.91
N LEU A 212 -11.48 -9.31 3.61
CA LEU A 212 -12.35 -9.88 4.68
C LEU A 212 -11.66 -11.01 5.45
N GLY A 213 -10.76 -11.73 4.80
CA GLY A 213 -9.99 -12.83 5.39
C GLY A 213 -8.88 -12.32 6.29
N ARG A 214 -8.49 -11.05 6.21
CA ARG A 214 -7.54 -10.42 7.16
C ARG A 214 -8.25 -10.11 8.47
N ILE A 215 -7.62 -10.45 9.58
CA ILE A 215 -8.22 -10.27 10.93
C ILE A 215 -8.18 -8.80 11.32
N PRO A 216 -9.33 -8.21 11.74
CA PRO A 216 -9.37 -6.86 12.30
C PRO A 216 -8.23 -6.62 13.30
N ALA A 217 -7.47 -5.56 13.08
CA ALA A 217 -6.17 -5.27 13.76
C ALA A 217 -6.26 -5.55 15.27
N GLU A 218 -7.24 -4.93 15.92
CA GLU A 218 -7.41 -4.96 17.39
C GLU A 218 -7.66 -6.42 17.80
N ALA A 219 -8.44 -7.20 17.04
CA ALA A 219 -8.70 -8.61 17.39
C ALA A 219 -7.43 -9.45 17.18
N TYR A 220 -6.69 -9.20 16.10
CA TYR A 220 -5.40 -9.88 15.81
C TYR A 220 -4.45 -9.68 17.02
N GLU A 221 -4.29 -8.44 17.49
CA GLU A 221 -3.33 -8.13 18.60
C GLU A 221 -3.78 -8.82 19.89
N TYR A 222 -5.08 -8.98 20.13
CA TYR A 222 -5.58 -9.66 21.35
C TYR A 222 -5.33 -11.17 21.27
N TYR A 223 -5.86 -11.83 20.24
CA TYR A 223 -5.85 -13.31 20.12
C TYR A 223 -4.45 -13.81 19.76
N HIS A 224 -3.65 -13.00 19.04
CA HIS A 224 -2.42 -13.47 18.36
C HIS A 224 -1.22 -12.57 18.60
N GLY A 225 -1.37 -11.37 19.21
CA GLY A 225 -0.28 -10.39 19.37
C GLY A 225 0.88 -10.96 20.18
N GLU A 226 2.12 -10.61 19.80
CA GLU A 226 3.37 -11.27 20.29
C GLU A 226 3.98 -10.40 21.40
N ASN A 240 -4.23 -16.22 9.73
CA ASN A 240 -4.52 -15.15 8.72
C ASN A 240 -3.58 -13.98 8.97
N PRO A 241 -3.35 -13.10 7.96
CA PRO A 241 -2.63 -11.88 8.24
C PRO A 241 -3.59 -11.01 9.06
N LYS A 242 -2.97 -9.97 9.56
CA LYS A 242 -3.54 -8.81 10.23
C LYS A 242 -4.10 -7.91 9.14
N ARG A 243 -5.28 -7.36 9.38
CA ARG A 243 -5.87 -6.28 8.56
C ARG A 243 -5.20 -5.00 9.05
N HIS A 244 -4.73 -4.20 8.13
CA HIS A 244 -3.95 -2.94 8.39
C HIS A 244 -4.75 -1.72 7.97
N LYS A 245 -5.67 -1.87 7.02
CA LYS A 245 -6.35 -0.74 6.34
C LYS A 245 -7.84 -1.05 6.30
N ASP A 246 -8.69 -0.05 6.48
CA ASP A 246 -10.16 -0.16 6.28
C ASP A 246 -10.43 0.22 4.82
N LYS A 247 -10.88 -0.72 4.00
CA LYS A 247 -11.15 -0.47 2.55
C LYS A 247 -12.66 -0.45 2.24
N PHE A 248 -13.50 -0.30 3.23
CA PHE A 248 -14.97 -0.16 3.07
C PHE A 248 -15.33 0.92 2.02
N ILE A 249 -14.75 2.09 2.11
CA ILE A 249 -15.16 3.22 1.22
C ILE A 249 -14.83 2.84 -0.23
N GLU A 250 -13.58 2.46 -0.49
CA GLU A 250 -13.08 2.03 -1.83
C GLU A 250 -14.05 1.02 -2.47
N PHE A 251 -14.34 -0.08 -1.78
CA PHE A 251 -15.28 -1.14 -2.22
C PHE A 251 -16.68 -0.54 -2.49
N ALA A 252 -17.24 0.25 -1.57
CA ALA A 252 -18.57 0.91 -1.62
C ALA A 252 -18.65 1.78 -2.89
N LEU A 253 -17.59 2.49 -3.24
CA LEU A 253 -17.58 3.39 -4.44
C LEU A 253 -17.64 2.55 -5.73
N HIS A 254 -16.89 1.46 -5.81
CA HIS A 254 -16.91 0.54 -6.96
C HIS A 254 -18.32 -0.09 -7.07
N TYR A 255 -18.86 -0.61 -5.97
CA TYR A 255 -20.23 -1.20 -5.95
C TYR A 255 -21.33 -0.17 -6.35
N LEU A 256 -21.33 1.04 -5.80
CA LEU A 256 -22.41 2.04 -6.07
C LEU A 256 -22.32 2.49 -7.54
N GLU A 257 -21.13 2.67 -8.08
CA GLU A 257 -20.98 3.06 -9.53
C GLU A 257 -21.45 1.91 -10.45
N ALA A 258 -21.14 0.66 -10.12
CA ALA A 258 -21.54 -0.52 -10.90
C ALA A 258 -23.08 -0.64 -10.89
N GLN A 259 -23.71 -0.41 -9.74
CA GLN A 259 -25.18 -0.56 -9.57
C GLN A 259 -25.97 0.66 -10.12
N HIS A 260 -25.43 1.88 -10.05
CA HIS A 260 -26.21 3.12 -10.29
C HIS A 260 -25.48 3.99 -11.31
N SER A 261 -25.88 3.94 -12.59
CA SER A 261 -25.23 4.69 -13.70
C SER A 261 -25.36 6.21 -13.50
N GLU A 262 -26.34 6.68 -12.70
CA GLU A 262 -26.57 8.10 -12.40
C GLU A 262 -25.48 8.63 -11.46
N ILE A 263 -24.70 7.78 -10.79
CA ILE A 263 -23.78 8.24 -9.72
C ILE A 263 -22.33 8.15 -10.22
N CYS A 264 -21.49 9.10 -9.85
CA CYS A 264 -20.05 9.10 -10.19
C CYS A 264 -19.31 9.75 -9.04
N PHE A 265 -18.25 9.15 -8.56
CA PHE A 265 -17.45 9.70 -7.43
C PHE A 265 -16.21 10.42 -7.97
N GLY A 266 -15.78 11.44 -7.23
CA GLY A 266 -14.56 12.21 -7.50
C GLY A 266 -13.35 11.30 -7.55
N ARG A 267 -12.52 11.49 -8.57
CA ARG A 267 -11.19 10.87 -8.73
C ARG A 267 -10.14 11.91 -8.37
N ARG A 268 -9.02 11.46 -7.83
CA ARG A 268 -7.95 12.35 -7.39
C ARG A 268 -6.82 12.31 -8.42
N HIS A 269 -6.25 13.47 -8.72
CA HIS A 269 -4.86 13.56 -9.22
C HIS A 269 -4.15 14.80 -8.65
N ILE A 270 -2.84 14.69 -8.60
CA ILE A 270 -1.93 15.71 -8.04
C ILE A 270 -1.25 16.39 -9.22
N VAL A 271 -1.39 17.70 -9.32
CA VAL A 271 -0.72 18.56 -10.32
C VAL A 271 0.55 19.10 -9.64
N ARG A 272 1.75 18.79 -10.16
CA ARG A 272 3.03 19.25 -9.55
C ARG A 272 3.35 20.65 -10.08
N THR A 286 7.84 22.03 -2.38
CA THR A 286 7.73 20.80 -1.54
C THR A 286 6.34 20.13 -1.68
N LYS A 287 5.37 20.71 -2.43
CA LYS A 287 3.93 20.31 -2.32
C LYS A 287 3.16 20.52 -3.65
N GLY A 288 2.49 19.47 -4.14
CA GLY A 288 1.58 19.49 -5.30
C GLY A 288 0.14 19.79 -4.90
N LYS A 289 -0.73 19.98 -5.90
CA LYS A 289 -2.14 20.41 -5.75
C LYS A 289 -3.04 19.20 -6.01
N VAL A 290 -3.90 18.86 -5.04
CA VAL A 290 -4.86 17.74 -5.20
C VAL A 290 -6.02 18.27 -6.02
N VAL A 291 -6.27 17.72 -7.20
CA VAL A 291 -7.41 18.12 -8.06
C VAL A 291 -8.43 16.99 -8.04
N VAL A 292 -9.71 17.32 -7.89
CA VAL A 292 -10.80 16.31 -7.92
C VAL A 292 -11.56 16.49 -9.23
N ASP A 293 -11.74 15.44 -10.01
CA ASP A 293 -12.51 15.51 -11.28
C ASP A 293 -13.45 14.31 -11.33
N PHE A 294 -14.37 14.27 -12.29
CA PHE A 294 -15.27 13.11 -12.47
C PHE A 294 -14.98 12.40 -13.79
N SER A 295 -13.71 12.24 -14.18
CA SER A 295 -13.29 11.47 -15.39
C SER A 295 -13.10 9.99 -15.02
N LYS A 296 -13.87 9.10 -15.66
CA LYS A 296 -13.81 7.62 -15.46
C LYS A 296 -12.74 6.98 -16.37
N LYS A 297 -12.34 7.66 -17.46
CA LYS A 297 -11.48 7.17 -18.58
C LYS A 297 -10.28 6.32 -18.13
N ASP A 298 -9.69 6.60 -16.97
CA ASP A 298 -8.50 5.91 -16.40
C ASP A 298 -8.96 4.96 -15.28
N GLU A 299 -9.25 3.70 -15.64
CA GLU A 299 -9.77 2.62 -14.73
C GLU A 299 -9.05 2.68 -13.38
N ASP A 300 -7.71 2.71 -13.40
CA ASP A 300 -6.90 2.51 -12.17
C ASP A 300 -6.79 3.81 -11.36
N GLN A 301 -7.21 4.96 -11.91
CA GLN A 301 -7.16 6.28 -11.22
C GLN A 301 -7.83 6.14 -9.85
N SER A 302 -7.23 6.70 -8.83
CA SER A 302 -7.72 6.55 -7.44
C SER A 302 -8.95 7.45 -7.23
N TYR A 303 -9.88 6.96 -6.42
CA TYR A 303 -10.99 7.76 -5.89
C TYR A 303 -10.38 8.78 -4.94
N TYR A 304 -10.97 9.97 -4.90
CA TYR A 304 -10.74 10.97 -3.84
C TYR A 304 -11.45 10.50 -2.56
N ILE A 305 -10.65 10.20 -1.55
CA ILE A 305 -11.17 9.91 -0.19
C ILE A 305 -10.34 10.73 0.79
N SER A 306 -10.94 11.74 1.41
CA SER A 306 -10.24 12.63 2.38
C SER A 306 -11.00 12.60 3.69
N LYS A 307 -10.35 12.06 4.73
CA LYS A 307 -10.91 12.00 6.11
C LYS A 307 -12.33 11.41 6.07
N ASN A 308 -12.50 10.31 5.36
CA ASN A 308 -13.73 9.50 5.29
C ASN A 308 -14.85 10.30 4.61
N ASN A 309 -14.47 11.21 3.71
CA ASN A 309 -15.36 11.97 2.81
C ASN A 309 -14.98 11.66 1.36
N VAL A 310 -16.01 11.66 0.51
CA VAL A 310 -15.93 11.50 -0.96
C VAL A 310 -16.77 12.63 -1.57
N ILE A 311 -16.62 12.86 -2.87
CA ILE A 311 -17.47 13.82 -3.60
C ILE A 311 -18.29 13.00 -4.58
N VAL A 312 -19.61 13.13 -4.50
CA VAL A 312 -20.54 12.37 -5.34
C VAL A 312 -21.15 13.34 -6.35
N ARG A 313 -21.30 12.93 -7.59
CA ARG A 313 -22.04 13.69 -8.63
C ARG A 313 -23.22 12.79 -9.03
N ILE A 314 -24.42 13.34 -8.92
CA ILE A 314 -25.68 12.64 -9.25
C ILE A 314 -26.27 13.32 -10.48
N ASP A 315 -26.42 12.56 -11.55
CA ASP A 315 -26.93 13.08 -12.84
C ASP A 315 -28.37 12.61 -13.01
N LYS A 316 -29.32 13.45 -12.61
CA LYS A 316 -30.79 13.22 -12.69
C LYS A 316 -31.44 14.44 -13.32
N ASN A 317 -32.67 14.29 -13.81
CA ASN A 317 -33.55 15.45 -14.21
C ASN A 317 -32.73 16.38 -15.12
N ALA A 318 -32.56 17.63 -14.74
CA ALA A 318 -32.09 18.71 -15.63
C ALA A 318 -30.58 18.85 -15.58
N GLY A 319 -29.86 18.07 -14.75
CA GLY A 319 -28.40 18.13 -14.81
C GLY A 319 -27.77 17.70 -13.50
N PRO A 320 -26.44 17.47 -13.50
CA PRO A 320 -25.77 16.92 -12.33
C PRO A 320 -25.77 17.88 -11.13
N ARG A 321 -25.87 17.30 -9.94
CA ARG A 321 -25.66 18.01 -8.67
C ARG A 321 -24.63 17.24 -7.86
N SER A 322 -23.76 17.97 -7.20
CA SER A 322 -22.55 17.41 -6.54
C SER A 322 -22.62 17.72 -5.06
N TYR A 323 -22.30 16.69 -4.24
CA TYR A 323 -22.24 16.80 -2.77
C TYR A 323 -20.97 16.12 -2.24
N ARG A 324 -20.54 16.61 -1.08
CA ARG A 324 -19.63 15.87 -0.20
C ARG A 324 -20.43 14.93 0.69
N MSE A 325 -20.01 13.66 0.76
CA MSE A 325 -20.72 12.60 1.52
C MSE A 325 -19.69 11.90 2.41
O MSE A 325 -18.67 11.52 1.89
CB MSE A 325 -21.24 11.49 0.61
CG MSE A 325 -22.41 11.85 -0.20
SE MSE A 325 -22.99 10.13 -0.94
CE MSE A 325 -23.82 9.23 0.56
N GLY A 326 -19.99 11.75 3.68
CA GLY A 326 -19.13 11.03 4.62
C GLY A 326 -19.41 9.53 4.63
N LEU A 327 -18.56 8.83 5.36
CA LEU A 327 -18.68 7.37 5.62
C LEU A 327 -20.10 7.03 6.10
N ASN A 328 -20.67 7.85 6.98
CA ASN A 328 -21.98 7.55 7.63
C ASN A 328 -23.05 7.46 6.52
N GLU A 329 -23.11 8.47 5.68
CA GLU A 329 -24.10 8.51 4.57
C GLU A 329 -23.75 7.43 3.56
N LEU A 330 -22.46 7.19 3.27
CA LEU A 330 -22.03 6.17 2.28
C LEU A 330 -22.52 4.78 2.72
N LYS A 331 -22.40 4.44 4.00
CA LYS A 331 -22.64 3.04 4.44
C LYS A 331 -24.17 2.80 4.42
N TYR A 332 -24.95 3.79 4.78
CA TYR A 332 -26.45 3.73 4.68
C TYR A 332 -26.86 3.68 3.21
N LEU A 333 -26.15 4.40 2.33
CA LEU A 333 -26.45 4.35 0.89
C LEU A 333 -26.21 2.94 0.35
N VAL A 334 -25.08 2.30 0.69
CA VAL A 334 -24.78 0.90 0.34
C VAL A 334 -25.92 0.04 0.88
N LEU A 335 -26.26 0.16 2.16
CA LEU A 335 -27.32 -0.71 2.76
C LEU A 335 -28.64 -0.57 1.98
N LEU A 336 -29.03 0.65 1.67
CA LEU A 336 -30.26 0.96 0.90
C LEU A 336 -30.13 0.39 -0.52
N SER A 337 -28.97 0.51 -1.17
CA SER A 337 -28.74 0.02 -2.55
C SER A 337 -28.90 -1.51 -2.59
N LEU A 338 -28.33 -2.22 -1.62
CA LEU A 338 -28.36 -3.68 -1.54
C LEU A 338 -29.80 -4.18 -1.36
N GLN A 339 -30.69 -3.39 -0.77
CA GLN A 339 -32.10 -3.79 -0.51
C GLN A 339 -33.04 -3.28 -1.61
N GLY A 340 -32.52 -2.68 -2.67
CA GLY A 340 -33.32 -2.22 -3.84
C GLY A 340 -33.89 -0.83 -3.72
N LYS A 341 -33.40 -0.01 -2.78
CA LYS A 341 -33.91 1.34 -2.51
C LYS A 341 -32.88 2.37 -2.95
N GLY A 342 -31.85 1.92 -3.69
CA GLY A 342 -30.77 2.78 -4.21
C GLY A 342 -31.32 3.93 -5.03
N ASP A 343 -32.22 3.66 -5.99
CA ASP A 343 -32.75 4.75 -6.84
C ASP A 343 -33.45 5.80 -6.00
N ASP A 344 -34.26 5.38 -5.04
CA ASP A 344 -35.01 6.25 -4.12
C ASP A 344 -34.05 7.07 -3.22
N ALA A 345 -33.06 6.43 -2.61
CA ALA A 345 -32.02 7.12 -1.82
C ALA A 345 -31.33 8.18 -2.69
N ILE A 346 -30.93 7.83 -3.91
CA ILE A 346 -30.19 8.75 -4.83
C ILE A 346 -31.08 9.94 -5.19
N ALA A 347 -32.38 9.73 -5.38
CA ALA A 347 -33.39 10.79 -5.63
C ALA A 347 -33.43 11.75 -4.45
N LYS A 348 -33.38 11.24 -3.20
CA LYS A 348 -33.45 12.09 -1.98
C LYS A 348 -32.15 12.91 -1.85
N LEU A 349 -30.99 12.32 -2.13
CA LEU A 349 -29.68 13.05 -2.14
C LEU A 349 -29.71 14.13 -3.21
N TYR A 350 -30.21 13.80 -4.39
CA TYR A 350 -30.28 14.75 -5.51
C TYR A 350 -31.04 16.00 -5.07
N ARG A 351 -32.21 15.84 -4.43
CA ARG A 351 -33.12 16.93 -3.98
C ARG A 351 -32.58 17.69 -2.76
N TYR A 352 -31.52 17.21 -2.10
CA TYR A 352 -31.02 17.78 -0.82
C TYR A 352 -30.76 19.28 -0.94
N ARG A 353 -30.06 19.71 -1.98
CA ARG A 353 -29.71 21.14 -2.26
C ARG A 353 -30.98 22.02 -2.31
N GLN A 354 -32.09 21.55 -2.85
CA GLN A 354 -33.34 22.34 -2.95
C GLN A 354 -33.79 22.70 -1.53
N HIS A 355 -33.83 21.73 -0.62
CA HIS A 355 -34.20 21.98 0.79
C HIS A 355 -33.29 23.05 1.39
N VAL A 356 -31.97 22.95 1.18
CA VAL A 356 -31.00 23.89 1.80
C VAL A 356 -31.32 25.31 1.31
N GLU A 357 -31.50 25.47 0.00
CA GLU A 357 -31.77 26.76 -0.67
C GLU A 357 -33.08 27.38 -0.16
N ASN A 358 -34.12 26.58 0.10
CA ASN A 358 -35.43 27.05 0.66
C ASN A 358 -35.25 27.57 2.09
N ILE A 359 -34.52 26.82 2.93
CA ILE A 359 -34.22 27.16 4.35
C ILE A 359 -33.40 28.44 4.38
N LEU A 360 -32.48 28.63 3.42
CA LEU A 360 -31.47 29.71 3.48
C LEU A 360 -32.17 31.08 3.45
N ASP A 361 -33.31 31.19 2.78
CA ASP A 361 -34.10 32.45 2.64
C ASP A 361 -34.91 32.76 3.90
N VAL A 362 -35.18 31.78 4.78
CA VAL A 362 -36.12 31.93 5.94
C VAL A 362 -35.48 31.40 7.23
N VAL A 363 -34.19 31.64 7.46
CA VAL A 363 -33.42 31.03 8.59
C VAL A 363 -34.06 31.47 9.92
N LYS A 364 -34.39 32.76 10.07
CA LYS A 364 -34.90 33.36 11.34
C LYS A 364 -36.21 32.67 11.76
N VAL A 365 -37.10 32.35 10.80
CA VAL A 365 -38.50 31.86 11.06
C VAL A 365 -38.63 30.33 10.87
N THR A 366 -37.82 29.68 10.02
CA THR A 366 -37.88 28.22 9.72
C THR A 366 -37.89 27.40 11.02
N ASP A 367 -38.50 26.20 10.96
CA ASP A 367 -38.51 25.22 12.08
C ASP A 367 -37.07 24.97 12.56
N LYS A 368 -36.83 24.99 13.86
CA LYS A 368 -35.48 24.81 14.45
C LYS A 368 -34.86 23.50 13.98
N ASP A 369 -35.69 22.49 13.66
CA ASP A 369 -35.28 21.16 13.12
C ASP A 369 -34.47 21.32 11.80
N ASN A 370 -34.72 22.39 11.02
CA ASN A 370 -34.00 22.68 9.76
C ASN A 370 -32.65 23.31 10.01
N HIS A 371 -32.36 23.77 11.22
CA HIS A 371 -31.05 24.34 11.59
C HIS A 371 -29.95 23.28 11.37
N VAL A 372 -30.28 21.98 11.42
CA VAL A 372 -29.28 20.88 11.29
C VAL A 372 -28.59 20.94 9.92
N PHE A 373 -29.24 21.46 8.87
CA PHE A 373 -28.70 21.41 7.48
C PHE A 373 -27.76 22.57 7.22
N LEU A 374 -27.67 23.50 8.16
CA LEU A 374 -27.01 24.81 7.96
C LEU A 374 -25.72 24.88 8.76
N PRO A 375 -24.63 25.34 8.13
CA PRO A 375 -23.39 25.56 8.86
C PRO A 375 -23.54 26.68 9.89
N ARG A 376 -22.71 26.62 10.93
CA ARG A 376 -22.59 27.64 12.02
C ARG A 376 -22.70 29.08 11.49
N PHE A 377 -21.89 29.44 10.49
CA PHE A 377 -21.75 30.84 10.06
C PHE A 377 -23.13 31.34 9.62
N VAL A 378 -23.99 30.49 9.07
CA VAL A 378 -25.34 30.91 8.60
C VAL A 378 -26.23 31.18 9.82
N LEU A 379 -26.34 30.19 10.70
CA LEU A 379 -27.09 30.31 11.98
C LEU A 379 -26.60 31.54 12.78
N GLU A 380 -25.30 31.74 12.88
CA GLU A 380 -24.74 32.83 13.70
C GLU A 380 -25.06 34.20 13.06
N GLN A 381 -25.07 34.27 11.72
CA GLN A 381 -25.41 35.50 10.99
C GLN A 381 -26.83 35.94 11.34
N HIS A 382 -27.75 34.99 11.58
CA HIS A 382 -29.18 35.21 11.92
C HIS A 382 -29.40 35.15 13.45
N GLY A 383 -28.34 35.28 14.24
CA GLY A 383 -28.42 35.36 15.72
C GLY A 383 -28.83 34.05 16.36
N ILE A 384 -28.55 32.91 15.72
CA ILE A 384 -28.82 31.57 16.31
C ILE A 384 -27.50 30.96 16.78
N GLY A 385 -27.42 30.68 18.08
CA GLY A 385 -26.35 29.90 18.73
C GLY A 385 -25.03 30.64 18.73
N ARG A 386 -25.06 31.97 18.77
CA ARG A 386 -23.84 32.78 18.98
C ARG A 386 -23.28 32.53 20.38
N LYS A 387 -21.98 32.61 20.52
CA LYS A 387 -21.33 32.42 21.83
C LYS A 387 -20.55 33.69 22.13
N ALA A 388 -20.53 34.09 23.40
CA ALA A 388 -19.70 35.20 23.92
C ALA A 388 -18.22 34.87 23.70
N PHE A 389 -17.42 35.85 23.29
CA PHE A 389 -15.96 35.67 23.12
C PHE A 389 -15.37 34.95 24.34
N LYS A 390 -15.78 35.31 25.56
CA LYS A 390 -15.38 34.63 26.83
C LYS A 390 -15.55 33.10 26.73
N GLN A 391 -16.69 32.65 26.20
CA GLN A 391 -17.04 31.20 26.10
C GLN A 391 -16.16 30.53 25.01
N ARG A 392 -15.98 31.21 23.89
CA ARG A 392 -15.09 30.78 22.77
C ARG A 392 -13.64 30.65 23.27
N ILE A 393 -13.16 31.60 24.06
CA ILE A 393 -11.81 31.51 24.67
C ILE A 393 -11.79 30.24 25.49
N ASP A 394 -12.71 30.06 26.43
CA ASP A 394 -12.73 28.92 27.38
C ASP A 394 -12.68 27.58 26.63
N GLY A 395 -13.58 27.35 25.66
CA GLY A 395 -13.59 26.12 24.85
C GLY A 395 -12.27 25.92 24.09
N ARG A 396 -11.72 26.99 23.51
CA ARG A 396 -10.50 26.90 22.67
C ARG A 396 -9.30 26.52 23.56
N VAL A 397 -9.15 27.20 24.70
CA VAL A 397 -7.99 26.99 25.62
C VAL A 397 -8.10 25.60 26.24
N LYS A 398 -9.30 25.16 26.67
CA LYS A 398 -9.54 23.79 27.23
C LYS A 398 -9.09 22.74 26.21
N HIS A 399 -9.48 22.90 24.97
CA HIS A 399 -9.13 21.96 23.88
C HIS A 399 -7.60 21.89 23.71
N VAL A 400 -6.93 23.04 23.54
CA VAL A 400 -5.48 23.08 23.21
C VAL A 400 -4.71 22.58 24.42
N ARG A 401 -5.17 22.94 25.62
CA ARG A 401 -4.58 22.39 26.83
C ARG A 401 -4.68 20.86 26.82
N GLY A 402 -5.85 20.33 26.48
CA GLY A 402 -6.13 18.90 26.46
C GLY A 402 -5.23 18.20 25.46
N VAL A 403 -5.04 18.82 24.30
CA VAL A 403 -4.21 18.25 23.20
C VAL A 403 -2.79 18.11 23.73
N TRP A 404 -2.30 19.09 24.46
CA TRP A 404 -0.87 19.08 24.88
C TRP A 404 -0.66 18.22 26.14
N GLU A 405 -1.62 18.14 27.05
CA GLU A 405 -1.56 17.14 28.15
C GLU A 405 -1.49 15.70 27.61
N LYS A 406 -2.26 15.38 26.58
CA LYS A 406 -2.23 14.04 25.93
C LYS A 406 -0.88 13.84 25.24
N LYS A 407 -0.34 14.83 24.52
CA LYS A 407 0.99 14.66 23.87
C LYS A 407 2.04 14.37 24.95
N LYS A 408 2.00 15.11 26.06
CA LYS A 408 3.01 15.03 27.14
C LYS A 408 2.99 13.61 27.72
N ALA A 409 1.81 13.01 27.88
CA ALA A 409 1.62 11.64 28.44
C ALA A 409 2.06 10.56 27.45
N ALA A 410 2.05 10.81 26.14
CA ALA A 410 2.21 9.79 25.08
C ALA A 410 3.59 9.84 24.40
N THR A 411 4.55 10.64 24.89
CA THR A 411 5.85 10.84 24.18
C THR A 411 6.46 9.49 23.78
N ASN A 412 6.60 8.53 24.71
CA ASN A 412 7.34 7.26 24.44
C ASN A 412 6.64 6.40 23.38
N GLU A 413 5.32 6.49 23.28
CA GLU A 413 4.50 5.73 22.29
C GLU A 413 4.33 6.45 20.95
N MSE A 414 4.65 7.73 20.85
CA MSE A 414 4.42 8.52 19.61
C MSE A 414 5.53 8.25 18.58
O MSE A 414 6.69 8.01 18.96
CB MSE A 414 4.35 10.01 19.91
CG MSE A 414 3.04 10.41 20.55
SE MSE A 414 3.08 12.23 21.33
CE MSE A 414 3.17 13.20 19.63
N THR A 415 5.19 8.42 17.31
CA THR A 415 6.10 8.15 16.17
C THR A 415 7.09 9.32 16.04
N LEU A 416 8.19 9.11 15.35
CA LEU A 416 9.20 10.18 15.17
C LEU A 416 8.56 11.34 14.42
N HIS A 417 7.65 11.05 13.49
CA HIS A 417 7.00 12.10 12.68
C HIS A 417 6.12 12.93 13.60
N GLU A 418 5.31 12.30 14.43
CA GLU A 418 4.43 13.00 15.40
C GLU A 418 5.28 13.87 16.35
N LYS A 419 6.38 13.32 16.85
CA LYS A 419 7.21 14.06 17.82
C LYS A 419 7.90 15.24 17.12
N ALA A 420 8.41 15.01 15.91
CA ALA A 420 9.14 16.02 15.12
C ALA A 420 8.18 17.18 14.80
N ARG A 421 6.95 16.87 14.41
CA ARG A 421 5.95 17.89 14.06
C ARG A 421 5.69 18.75 15.30
N ASP A 422 5.60 18.17 16.50
CA ASP A 422 5.35 18.93 17.73
C ASP A 422 6.52 19.88 18.03
N ILE A 423 7.76 19.38 17.92
CA ILE A 423 8.99 20.17 18.23
C ILE A 423 9.07 21.34 17.24
N LEU A 424 8.75 21.07 15.97
CA LEU A 424 8.78 22.08 14.90
C LEU A 424 7.68 23.13 15.07
N GLN A 425 6.49 22.74 15.50
N GLN A 425 6.48 22.74 15.50
CA GLN A 425 5.40 23.69 15.85
CA GLN A 425 5.39 23.70 15.86
C GLN A 425 5.88 24.69 16.90
C GLN A 425 5.91 24.70 16.90
N TYR A 426 6.55 24.20 17.95
CA TYR A 426 7.06 25.03 19.04
C TYR A 426 8.09 26.03 18.47
N VAL A 427 9.06 25.54 17.72
CA VAL A 427 10.12 26.45 17.18
C VAL A 427 9.44 27.45 16.25
N ASN A 428 8.61 26.99 15.31
CA ASN A 428 7.91 27.84 14.30
C ASN A 428 7.12 28.96 15.01
N GLU A 429 6.38 28.62 16.07
CA GLU A 429 5.50 29.60 16.76
C GLU A 429 6.39 30.59 17.55
N ASN A 430 7.66 30.31 17.77
CA ASN A 430 8.63 31.24 18.41
C ASN A 430 9.55 31.94 17.40
N CYS A 431 9.22 31.92 16.11
CA CYS A 431 10.07 32.52 15.05
C CYS A 431 9.49 33.87 14.63
N THR A 432 10.35 34.89 14.51
CA THR A 432 9.99 36.24 14.01
C THR A 432 9.28 36.05 12.67
N ARG A 433 9.91 35.33 11.75
CA ARG A 433 9.35 34.99 10.42
C ARG A 433 9.23 33.47 10.40
N SER A 434 8.08 32.96 10.01
CA SER A 434 7.73 31.52 10.03
C SER A 434 8.69 30.77 9.13
N PHE A 435 8.97 29.50 9.41
CA PHE A 435 9.69 28.61 8.46
C PHE A 435 9.14 28.74 7.03
N ASN A 436 10.06 28.80 6.05
CA ASN A 436 9.71 28.45 4.64
C ASN A 436 9.68 26.93 4.52
N PRO A 437 9.07 26.37 3.45
CA PRO A 437 9.05 24.92 3.23
C PRO A 437 10.41 24.21 3.27
N GLY A 438 11.44 24.84 2.73
CA GLY A 438 12.82 24.30 2.76
C GLY A 438 13.38 24.16 4.16
N GLU A 439 13.21 25.20 4.97
CA GLU A 439 13.69 25.24 6.37
C GLU A 439 12.99 24.14 7.16
N TYR A 440 11.68 24.04 6.98
CA TYR A 440 10.86 23.03 7.70
C TYR A 440 11.36 21.63 7.36
N ASN A 441 11.39 21.29 6.08
CA ASN A 441 11.87 20.00 5.52
C ASN A 441 13.26 19.65 6.09
N ARG A 442 14.17 20.61 6.06
CA ARG A 442 15.54 20.36 6.53
C ARG A 442 15.54 19.97 7.99
N LEU A 443 14.82 20.70 8.83
CA LEU A 443 14.79 20.40 10.29
C LEU A 443 14.04 19.08 10.55
N LEU A 444 12.91 18.84 9.87
CA LEU A 444 12.17 17.54 9.95
C LEU A 444 13.08 16.34 9.65
N VAL A 445 13.87 16.41 8.57
CA VAL A 445 14.86 15.37 8.18
C VAL A 445 15.84 15.15 9.32
N CYS A 446 16.36 16.21 9.96
CA CYS A 446 17.27 16.04 11.13
C CYS A 446 16.59 15.25 12.25
N LEU A 447 15.36 15.63 12.61
CA LEU A 447 14.67 15.07 13.80
C LEU A 447 14.31 13.60 13.54
N VAL A 448 13.82 13.31 12.33
CA VAL A 448 13.37 11.94 11.97
C VAL A 448 14.58 11.00 11.88
N GLY A 449 15.73 11.54 11.44
CA GLY A 449 17.00 10.81 11.23
C GLY A 449 17.83 10.65 12.51
N LYS A 450 17.30 11.01 13.70
CA LYS A 450 18.02 11.03 15.00
C LYS A 450 19.32 11.85 14.89
N ASP A 451 19.29 12.97 14.18
CA ASP A 451 20.49 13.82 13.98
C ASP A 451 20.30 15.06 14.88
N VAL A 452 20.43 14.86 16.19
CA VAL A 452 20.10 15.91 17.21
C VAL A 452 21.18 17.00 17.14
N GLU A 453 22.42 16.63 16.82
CA GLU A 453 23.57 17.56 16.59
C GLU A 453 23.18 18.56 15.49
N ASN A 454 22.73 18.05 14.35
CA ASN A 454 22.40 18.89 13.18
C ASN A 454 21.13 19.69 13.49
N PHE A 455 20.20 19.16 14.29
CA PHE A 455 19.00 19.93 14.68
C PHE A 455 19.45 21.11 15.55
N GLN A 456 20.33 20.85 16.52
CA GLN A 456 20.84 21.91 17.44
C GLN A 456 21.70 22.90 16.62
N ALA A 457 22.45 22.49 15.60
CA ALA A 457 23.17 23.45 14.72
C ALA A 457 22.14 24.32 13.99
N GLY A 458 20.99 23.75 13.63
CA GLY A 458 19.86 24.48 13.03
C GLY A 458 19.29 25.53 13.97
N LEU A 459 19.04 25.17 15.23
CA LEU A 459 18.59 26.16 16.22
C LEU A 459 19.66 27.27 16.36
N LYS A 460 20.95 26.93 16.37
CA LYS A 460 22.02 27.96 16.53
C LYS A 460 21.90 28.96 15.38
N ARG A 461 21.66 28.48 14.17
CA ARG A 461 21.55 29.34 12.97
C ARG A 461 20.33 30.27 13.09
N LEU A 462 19.19 29.75 13.56
CA LEU A 462 18.00 30.58 13.84
C LEU A 462 18.35 31.64 14.90
N GLN A 463 19.06 31.26 15.96
CA GLN A 463 19.48 32.22 17.00
C GLN A 463 20.38 33.31 16.41
N LEU A 464 21.48 32.95 15.73
CA LEU A 464 22.42 33.93 15.10
C LEU A 464 21.67 34.84 14.11
N ALA A 465 20.61 34.34 13.45
CA ALA A 465 19.74 35.14 12.56
C ALA A 465 18.71 35.97 13.35
N GLU A 466 18.66 35.86 14.68
CA GLU A 466 17.73 36.63 15.53
C GLU A 466 16.30 36.23 15.16
N ARG A 467 16.08 35.01 14.68
CA ARG A 467 14.70 34.53 14.40
C ARG A 467 14.05 33.98 15.66
N ILE A 468 14.84 33.35 16.51
CA ILE A 468 14.41 32.93 17.87
C ILE A 468 15.35 33.62 18.87
N ASP A 469 14.89 33.85 20.09
CA ASP A 469 15.74 34.49 21.13
C ASP A 469 16.55 33.39 21.83
N GLY A 470 17.51 33.81 22.67
CA GLY A 470 18.46 32.91 23.34
C GLY A 470 17.76 31.91 24.25
N ARG A 471 16.63 32.28 24.85
CA ARG A 471 15.84 31.38 25.74
C ARG A 471 15.43 30.12 24.94
N VAL A 472 14.85 30.29 23.74
CA VAL A 472 14.33 29.17 22.91
C VAL A 472 15.50 28.26 22.52
N TYR A 473 16.61 28.81 22.06
CA TYR A 473 17.82 28.01 21.74
C TYR A 473 18.25 27.23 22.98
N SER A 474 18.20 27.90 24.12
CA SER A 474 18.79 27.45 25.41
C SER A 474 17.96 26.31 26.04
N ILE A 475 16.63 26.30 25.89
CA ILE A 475 15.79 25.25 26.56
C ILE A 475 16.11 23.88 25.96
N PHE A 476 16.71 23.83 24.77
CA PHE A 476 17.07 22.56 24.08
C PHE A 476 18.49 22.13 24.41
N ALA A 477 19.34 23.06 24.86
CA ALA A 477 20.77 22.83 25.21
C ALA A 477 20.92 21.63 26.16
N GLN A 478 20.03 21.51 27.16
CA GLN A 478 20.11 20.43 28.20
C GLN A 478 19.53 19.10 27.70
N THR A 479 19.05 18.98 26.45
CA THR A 479 18.45 17.73 25.90
C THR A 479 19.40 17.09 24.89
N SER A 480 19.36 15.76 24.76
CA SER A 480 20.16 15.01 23.76
C SER A 480 19.30 14.05 22.94
N THR A 481 18.00 13.89 23.23
CA THR A 481 17.11 12.88 22.57
C THR A 481 15.81 13.52 22.11
N ILE A 482 15.17 12.93 21.10
CA ILE A 482 13.88 13.40 20.55
C ILE A 482 12.87 13.44 21.71
N ASN A 483 12.88 12.41 22.55
CA ASN A 483 11.84 12.26 23.61
C ASN A 483 12.02 13.39 24.62
N GLU A 484 13.26 13.75 24.97
CA GLU A 484 13.58 14.83 25.93
C GLU A 484 13.11 16.17 25.35
N MSE A 485 13.46 16.40 24.09
CA MSE A 485 13.05 17.62 23.36
C MSE A 485 11.52 17.68 23.37
O MSE A 485 10.98 18.76 23.60
CB MSE A 485 13.63 17.59 21.95
CG MSE A 485 15.14 17.62 21.95
SE MSE A 485 15.69 18.04 20.13
CE MSE A 485 16.37 19.83 20.43
N HIS A 486 10.84 16.56 23.14
CA HIS A 486 9.37 16.56 23.02
C HIS A 486 8.74 16.97 24.37
N GLN A 487 9.31 16.48 25.47
CA GLN A 487 8.80 16.78 26.84
C GLN A 487 8.99 18.28 27.14
N VAL A 488 10.16 18.80 26.83
CA VAL A 488 10.49 20.24 27.03
C VAL A 488 9.45 21.06 26.28
N VAL A 489 9.13 20.67 25.06
CA VAL A 489 8.19 21.47 24.25
C VAL A 489 6.77 21.42 24.85
N CYS A 490 6.30 20.24 25.21
CA CYS A 490 5.00 20.05 25.89
C CYS A 490 4.94 20.96 27.15
N ASP A 491 6.00 20.99 27.96
CA ASP A 491 6.08 21.82 29.19
C ASP A 491 6.01 23.31 28.85
N GLN A 492 6.73 23.78 27.81
CA GLN A 492 6.74 25.23 27.47
C GLN A 492 5.35 25.65 27.00
N ILE A 493 4.70 24.81 26.21
CA ILE A 493 3.37 25.13 25.62
C ILE A 493 2.32 25.13 26.74
N LEU A 494 2.32 24.13 27.61
CA LEU A 494 1.32 24.05 28.72
C LEU A 494 1.49 25.21 29.71
N ASN A 495 2.72 25.64 29.98
CA ASN A 495 3.01 26.88 30.77
C ASN A 495 2.35 28.09 30.14
N ARG A 496 2.43 28.22 28.83
CA ARG A 496 1.83 29.36 28.12
C ARG A 496 0.29 29.28 28.20
N LEU A 497 -0.29 28.07 28.13
CA LEU A 497 -1.76 27.89 28.04
C LEU A 497 -2.47 27.99 29.41
N CYS A 498 -1.74 27.78 30.50
N CYS A 498 -1.76 27.76 30.51
CA CYS A 498 -2.30 27.74 31.88
CA CYS A 498 -2.33 27.74 31.88
C CYS A 498 -2.03 29.08 32.59
C CYS A 498 -2.42 29.17 32.46
N ARG A 499 -1.79 30.16 31.83
CA ARG A 499 -1.81 31.59 32.26
C ARG A 499 -3.25 32.11 32.38
N ILE A 500 -3.51 33.01 33.33
CA ILE A 500 -4.82 33.70 33.49
C ILE A 500 -5.08 34.57 32.25
N GLY A 501 -6.11 34.19 31.47
CA GLY A 501 -6.44 34.65 30.09
C GLY A 501 -6.13 36.11 29.84
N ASP A 502 -5.20 36.38 28.91
CA ASP A 502 -4.77 37.74 28.49
C ASP A 502 -4.98 37.84 26.98
N GLN A 503 -4.70 39.01 26.41
CA GLN A 503 -4.92 39.30 24.97
C GLN A 503 -3.94 38.44 24.15
N LYS A 504 -2.70 38.29 24.63
CA LYS A 504 -1.69 37.43 23.95
C LYS A 504 -2.22 35.98 23.83
N LEU A 505 -2.99 35.50 24.83
CA LEU A 505 -3.48 34.09 24.87
C LEU A 505 -4.51 33.82 23.77
N TYR A 506 -5.53 34.67 23.57
N TYR A 506 -5.49 34.71 23.64
CA TYR A 506 -6.58 34.40 22.55
CA TYR A 506 -6.57 34.67 22.63
C TYR A 506 -5.99 34.47 21.14
C TYR A 506 -5.97 34.49 21.23
N ASP A 507 -4.94 35.28 20.91
CA ASP A 507 -4.17 35.31 19.64
C ASP A 507 -3.42 33.99 19.46
N TYR A 508 -2.73 33.55 20.49
CA TYR A 508 -1.92 32.31 20.50
C TYR A 508 -2.79 31.10 20.10
N VAL A 509 -4.07 31.06 20.48
CA VAL A 509 -4.94 29.86 20.29
C VAL A 509 -5.85 30.09 19.09
N GLY A 510 -5.60 31.17 18.32
CA GLY A 510 -6.18 31.41 16.99
C GLY A 510 -7.49 32.17 16.97
N LEU A 511 -7.85 32.87 18.04
CA LEU A 511 -9.11 33.67 18.11
C LEU A 511 -8.87 35.13 17.68
N GLY A 512 -7.66 35.49 17.22
CA GLY A 512 -7.27 36.87 16.87
C GLY A 512 -7.28 37.17 15.38
N LYS A 513 -7.89 36.34 14.52
CA LYS A 513 -7.77 36.50 13.04
C LYS A 513 -8.82 37.53 12.56
N LYS A 514 -8.47 38.34 11.58
CA LYS A 514 -9.34 39.39 10.99
C LYS A 514 -10.13 38.79 9.83
N ASP A 515 -11.44 38.53 10.01
CA ASP A 515 -12.35 38.01 8.96
C ASP A 515 -12.85 39.20 8.14
N GLU A 516 -12.50 39.26 6.85
CA GLU A 516 -12.87 40.36 5.93
C GLU A 516 -13.77 39.82 4.83
N ILE A 517 -14.36 38.63 4.98
CA ILE A 517 -15.18 38.01 3.89
C ILE A 517 -16.66 38.33 4.10
N ASP A 518 -17.32 38.84 3.05
CA ASP A 518 -18.79 39.16 3.05
C ASP A 518 -19.58 37.86 3.27
N TYR A 519 -20.48 37.85 4.26
CA TYR A 519 -21.46 36.77 4.52
C TYR A 519 -22.01 36.27 3.18
N LYS A 520 -22.30 37.17 2.24
CA LYS A 520 -22.97 36.76 0.99
C LYS A 520 -21.99 35.97 0.11
N GLN A 521 -20.69 36.24 0.18
CA GLN A 521 -19.68 35.40 -0.50
C GLN A 521 -19.65 34.00 0.16
N LYS A 522 -19.68 33.93 1.49
CA LYS A 522 -19.67 32.63 2.23
C LYS A 522 -20.89 31.80 1.84
N VAL A 523 -22.07 32.41 1.78
CA VAL A 523 -23.33 31.70 1.42
C VAL A 523 -23.17 31.15 0.00
N ALA A 524 -22.61 31.94 -0.92
CA ALA A 524 -22.48 31.49 -2.33
C ALA A 524 -21.54 30.27 -2.39
N TRP A 525 -20.40 30.34 -1.69
CA TRP A 525 -19.41 29.24 -1.59
C TRP A 525 -20.13 28.01 -1.00
N PHE A 526 -20.88 28.20 0.06
CA PHE A 526 -21.56 27.08 0.77
C PHE A 526 -22.47 26.36 -0.22
N LYS A 527 -23.23 27.11 -1.04
CA LYS A 527 -24.20 26.50 -1.97
C LYS A 527 -23.54 25.66 -3.06
N GLU A 528 -22.27 25.88 -3.42
CA GLU A 528 -21.53 25.05 -4.42
C GLU A 528 -20.67 23.97 -3.71
N HIS A 529 -20.74 23.85 -2.39
CA HIS A 529 -19.92 22.93 -1.56
C HIS A 529 -20.75 22.33 -0.42
N ILE A 530 -21.97 21.89 -0.73
CA ILE A 530 -22.91 21.31 0.28
C ILE A 530 -22.40 19.93 0.70
N SER A 531 -22.43 19.63 2.00
CA SER A 531 -22.15 18.31 2.56
C SER A 531 -23.46 17.74 3.14
N ILE A 532 -23.71 16.45 2.96
CA ILE A 532 -24.94 15.76 3.46
C ILE A 532 -24.85 15.70 4.99
N ARG A 533 -25.85 16.23 5.68
CA ARG A 533 -26.05 16.10 7.13
C ARG A 533 -25.87 14.62 7.59
N ARG A 534 -25.11 14.43 8.66
CA ARG A 534 -24.91 13.10 9.26
C ARG A 534 -26.26 12.59 9.73
N GLY A 535 -26.61 11.40 9.30
CA GLY A 535 -27.85 10.71 9.67
C GLY A 535 -28.99 11.03 8.70
N PHE A 536 -28.75 11.80 7.64
CA PHE A 536 -29.79 12.12 6.64
C PHE A 536 -30.51 10.86 6.12
N LEU A 537 -29.82 9.87 5.53
CA LEU A 537 -30.47 8.69 4.94
C LEU A 537 -31.15 7.86 6.04
N ARG A 538 -30.54 7.78 7.22
CA ARG A 538 -31.16 7.07 8.37
C ARG A 538 -32.52 7.74 8.62
N LYS A 539 -32.58 9.07 8.70
CA LYS A 539 -33.82 9.77 9.08
C LYS A 539 -34.87 9.62 7.97
N LYS A 540 -34.46 9.56 6.71
CA LYS A 540 -35.43 9.42 5.58
C LYS A 540 -36.02 8.02 5.50
N PHE A 541 -35.32 6.97 5.91
CA PHE A 541 -35.74 5.58 5.66
C PHE A 541 -36.03 4.82 6.95
N TRP A 542 -35.43 5.22 8.07
CA TRP A 542 -35.55 4.46 9.33
C TRP A 542 -35.86 5.42 10.50
N TYR A 543 -36.61 6.50 10.25
CA TYR A 543 -37.05 7.53 11.24
C TYR A 543 -37.38 6.86 12.58
N ASP A 544 -38.41 6.02 12.58
CA ASP A 544 -38.97 5.47 13.85
C ASP A 544 -38.29 4.13 14.18
N SER A 545 -37.24 3.73 13.45
CA SER A 545 -36.45 2.50 13.74
C SER A 545 -35.72 2.68 15.07
N LYS A 546 -35.82 1.66 15.92
CA LYS A 546 -35.00 1.55 17.15
C LYS A 546 -33.76 0.69 16.85
N LYS A 547 -33.63 0.14 15.64
CA LYS A 547 -32.48 -0.71 15.24
C LYS A 547 -31.33 0.21 14.80
N GLY A 548 -30.17 0.09 15.43
CA GLY A 548 -28.93 0.70 14.92
C GLY A 548 -28.47 0.15 13.56
N PHE A 549 -27.50 0.84 12.97
CA PHE A 549 -26.84 0.44 11.70
C PHE A 549 -26.51 -1.07 11.66
N ALA A 550 -25.79 -1.57 12.68
CA ALA A 550 -25.36 -2.98 12.73
C ALA A 550 -26.55 -3.95 12.68
N LYS A 551 -27.63 -3.68 13.41
CA LYS A 551 -28.81 -4.59 13.47
C LYS A 551 -29.54 -4.51 12.12
N LEU A 552 -29.57 -3.34 11.48
CA LEU A 552 -30.22 -3.16 10.16
C LEU A 552 -29.43 -3.97 9.16
N VAL A 553 -28.08 -3.98 9.26
CA VAL A 553 -27.25 -4.79 8.33
C VAL A 553 -27.54 -6.27 8.63
N GLU A 554 -27.54 -6.67 9.90
CA GLU A 554 -27.77 -8.08 10.26
C GLU A 554 -29.15 -8.55 9.78
N GLU A 555 -30.18 -7.72 9.92
CA GLU A 555 -31.59 -8.07 9.52
C GLU A 555 -31.65 -8.31 8.00
N HIS A 556 -31.03 -7.42 7.23
CA HIS A 556 -30.89 -7.59 5.76
C HIS A 556 -30.12 -8.86 5.42
N LEU A 557 -28.98 -9.14 6.05
CA LEU A 557 -28.20 -10.36 5.78
C LEU A 557 -29.07 -11.61 5.99
N GLU A 558 -29.88 -11.64 7.06
CA GLU A 558 -30.60 -12.88 7.46
C GLU A 558 -31.81 -13.10 6.53
N SER A 559 -32.44 -12.03 6.06
CA SER A 559 -33.74 -12.07 5.34
C SER A 559 -33.57 -11.76 3.85
N GLY A 560 -32.39 -11.31 3.39
CA GLY A 560 -32.18 -10.74 2.04
C GLY A 560 -32.11 -11.81 0.93
N GLY A 561 -31.74 -13.05 1.26
CA GLY A 561 -31.71 -14.19 0.32
C GLY A 561 -30.31 -14.66 -0.02
N GLY A 562 -29.25 -14.09 0.54
CA GLY A 562 -27.87 -14.61 0.34
C GLY A 562 -27.56 -15.87 1.14
N GLN A 563 -28.09 -15.97 2.38
CA GLN A 563 -27.73 -16.97 3.44
C GLN A 563 -26.21 -17.10 3.58
N ARG A 564 -25.48 -15.98 3.44
CA ARG A 564 -24.02 -15.88 3.70
C ARG A 564 -23.82 -15.10 4.98
N ASP A 565 -22.69 -15.33 5.61
CA ASP A 565 -22.15 -14.47 6.68
C ASP A 565 -20.64 -14.53 6.57
N VAL A 566 -19.93 -13.72 7.36
CA VAL A 566 -18.45 -13.67 7.31
C VAL A 566 -17.86 -15.07 7.59
N GLY A 567 -16.72 -15.35 6.97
CA GLY A 567 -16.01 -16.63 7.08
C GLY A 567 -15.03 -16.60 8.23
N LEU A 568 -14.66 -15.43 8.73
CA LEU A 568 -13.83 -15.32 9.96
C LEU A 568 -14.65 -15.75 11.17
N ASP A 569 -13.98 -16.41 12.11
CA ASP A 569 -14.56 -16.79 13.43
C ASP A 569 -15.16 -15.54 14.05
N LYS A 570 -16.39 -15.65 14.56
CA LYS A 570 -17.11 -14.51 15.19
C LYS A 570 -16.30 -13.94 16.35
N LYS A 571 -15.37 -14.69 16.94
CA LYS A 571 -14.61 -14.16 18.10
C LYS A 571 -13.68 -13.04 17.65
N TYR A 572 -13.36 -12.97 16.35
CA TYR A 572 -12.53 -11.88 15.79
C TYR A 572 -13.30 -10.58 15.76
N TYR A 573 -14.61 -10.59 16.02
CA TYR A 573 -15.41 -9.34 16.06
C TYR A 573 -15.93 -8.98 17.45
N HIS A 574 -15.55 -9.71 18.52
CA HIS A 574 -15.91 -9.38 19.92
C HIS A 574 -14.92 -10.03 20.92
N ILE A 575 -14.44 -9.26 21.90
CA ILE A 575 -13.58 -9.78 23.01
C ILE A 575 -14.48 -10.20 24.17
N ASP A 576 -14.74 -11.49 24.39
CA ASP A 576 -15.80 -11.94 25.34
C ASP A 576 -15.44 -11.51 26.78
N ALA A 577 -14.17 -11.18 27.06
CA ALA A 577 -13.63 -11.04 28.44
C ALA A 577 -13.87 -9.61 28.96
N ILE A 578 -14.06 -8.66 28.05
CA ILE A 578 -14.27 -7.22 28.38
C ILE A 578 -15.72 -6.82 28.06
N GLY A 579 -16.17 -5.69 28.63
CA GLY A 579 -17.58 -5.26 28.58
C GLY A 579 -17.98 -4.93 27.15
N ARG A 580 -19.27 -5.01 26.84
CA ARG A 580 -19.77 -4.72 25.47
C ARG A 580 -19.18 -3.42 24.91
N PHE A 581 -19.01 -2.34 25.70
CA PHE A 581 -18.71 -0.99 25.15
C PHE A 581 -17.25 -0.57 25.34
N GLU A 582 -16.43 -1.46 25.88
CA GLU A 582 -15.04 -1.15 26.31
C GLU A 582 -14.04 -1.43 25.17
N GLY A 583 -13.03 -0.57 25.06
CA GLY A 583 -11.88 -0.68 24.16
C GLY A 583 -12.33 -0.82 22.72
N ALA A 584 -11.92 -1.91 22.05
CA ALA A 584 -12.08 -2.08 20.59
C ALA A 584 -13.45 -2.70 20.27
N ASN A 585 -14.23 -3.12 21.26
CA ASN A 585 -15.48 -3.89 21.04
C ASN A 585 -16.50 -3.11 20.17
N PRO A 586 -16.73 -1.79 20.40
CA PRO A 586 -17.55 -0.95 19.52
C PRO A 586 -17.05 -0.95 18.07
N ALA A 587 -15.75 -0.71 17.87
CA ALA A 587 -15.12 -0.65 16.55
C ALA A 587 -15.19 -2.04 15.86
N LEU A 588 -15.01 -3.14 16.60
CA LEU A 588 -15.10 -4.51 16.02
C LEU A 588 -16.55 -4.82 15.61
N TYR A 589 -17.54 -4.39 16.41
CA TYR A 589 -18.98 -4.61 16.14
C TYR A 589 -19.40 -3.86 14.86
N GLU A 590 -18.98 -2.63 14.71
CA GLU A 590 -19.18 -1.82 13.49
C GLU A 590 -18.49 -2.51 12.32
N THR A 591 -17.26 -3.05 12.51
CA THR A 591 -16.48 -3.79 11.49
C THR A 591 -17.24 -5.05 11.05
N LEU A 592 -17.93 -5.74 11.95
CA LEU A 592 -18.73 -6.91 11.55
C LEU A 592 -19.82 -6.43 10.58
N ALA A 593 -20.45 -5.28 10.85
CA ALA A 593 -21.55 -4.77 10.00
C ALA A 593 -20.99 -4.34 8.65
N ARG A 594 -19.89 -3.62 8.63
CA ARG A 594 -19.33 -3.17 7.34
C ARG A 594 -18.74 -4.35 6.56
N ASP A 595 -18.19 -5.39 7.21
CA ASP A 595 -17.70 -6.62 6.52
C ASP A 595 -18.92 -7.33 5.87
N ARG A 596 -20.06 -7.39 6.57
CA ARG A 596 -21.28 -8.03 6.04
C ARG A 596 -21.77 -7.25 4.79
N LEU A 597 -21.75 -5.92 4.80
CA LEU A 597 -22.01 -5.09 3.60
C LEU A 597 -21.05 -5.50 2.47
N CYS A 598 -19.74 -5.63 2.76
CA CYS A 598 -18.70 -5.97 1.75
C CYS A 598 -18.94 -7.38 1.19
N LEU A 599 -19.42 -8.32 2.02
CA LEU A 599 -19.70 -9.69 1.58
C LEU A 599 -20.86 -9.64 0.57
N MSE A 600 -21.85 -8.78 0.84
CA MSE A 600 -23.03 -8.67 -0.04
C MSE A 600 -22.62 -7.98 -1.34
O MSE A 600 -23.09 -8.41 -2.38
CB MSE A 600 -24.19 -8.02 0.72
CG MSE A 600 -24.89 -9.07 1.60
SE MSE A 600 -26.25 -8.14 2.62
CE MSE A 600 -25.38 -6.80 3.73
N MSE A 601 -21.72 -7.00 -1.28
CA MSE A 601 -21.13 -6.41 -2.50
C MSE A 601 -20.37 -7.47 -3.28
O MSE A 601 -20.51 -7.47 -4.55
CB MSE A 601 -20.21 -5.23 -2.19
CG MSE A 601 -20.90 -4.04 -1.60
SE MSE A 601 -19.50 -2.69 -1.16
CE MSE A 601 -19.44 -2.45 0.78
N ALA A 602 -19.58 -8.33 -2.60
CA ALA A 602 -18.87 -9.43 -3.28
C ALA A 602 -19.89 -10.35 -3.99
N GLN A 603 -20.97 -10.70 -3.29
N GLN A 603 -20.97 -10.72 -3.31
CA GLN A 603 -22.08 -11.55 -3.80
CA GLN A 603 -22.00 -11.59 -3.95
C GLN A 603 -22.63 -10.92 -5.10
C GLN A 603 -22.55 -10.90 -5.19
N TYR A 604 -22.78 -9.59 -5.13
CA TYR A 604 -23.30 -8.83 -6.28
C TYR A 604 -22.29 -8.94 -7.44
N PHE A 605 -21.01 -8.80 -7.15
CA PHE A 605 -19.95 -8.86 -8.20
C PHE A 605 -19.88 -10.25 -8.82
N LEU A 606 -19.79 -11.31 -8.03
CA LEU A 606 -19.75 -12.72 -8.51
C LEU A 606 -20.99 -13.01 -9.34
N GLY A 607 -22.17 -12.67 -8.79
CA GLY A 607 -23.51 -12.88 -9.37
C GLY A 607 -23.64 -12.15 -10.69
N SER A 608 -22.90 -11.04 -10.86
CA SER A 608 -22.92 -10.16 -12.06
C SER A 608 -21.97 -10.70 -13.15
N VAL A 609 -20.95 -11.50 -12.84
CA VAL A 609 -19.95 -11.89 -13.90
C VAL A 609 -20.60 -12.97 -14.76
N ARG A 610 -20.12 -13.11 -16.01
CA ARG A 610 -20.60 -14.10 -17.02
C ARG A 610 -20.70 -15.50 -16.41
N LYS A 611 -21.80 -16.21 -16.70
CA LYS A 611 -22.20 -17.49 -16.06
C LYS A 611 -21.13 -18.57 -16.27
N GLU A 612 -20.42 -18.57 -17.42
CA GLU A 612 -19.21 -19.40 -17.70
C GLU A 612 -18.28 -19.38 -16.48
N LEU A 613 -17.98 -18.17 -15.97
CA LEU A 613 -17.01 -17.91 -14.87
C LEU A 613 -17.69 -18.02 -13.49
N GLY A 614 -18.95 -17.59 -13.34
CA GLY A 614 -19.75 -17.71 -12.09
C GLY A 614 -20.13 -19.15 -11.74
N ASN A 615 -20.16 -20.07 -12.72
CA ASN A 615 -20.61 -21.48 -12.59
C ASN A 615 -19.43 -22.44 -12.38
N LYS A 616 -18.21 -22.08 -12.78
CA LYS A 616 -17.02 -22.95 -12.58
C LYS A 616 -16.62 -22.92 -11.09
N ILE A 617 -16.51 -21.73 -10.48
CA ILE A 617 -16.23 -21.43 -9.04
C ILE A 617 -17.35 -21.96 -8.11
N VAL A 618 -16.96 -22.45 -6.92
CA VAL A 618 -17.87 -22.81 -5.77
C VAL A 618 -17.48 -22.01 -4.52
N TRP A 619 -18.30 -21.03 -4.13
CA TRP A 619 -18.05 -20.11 -2.99
C TRP A 619 -18.93 -20.48 -1.79
N SER A 620 -18.30 -20.99 -0.74
CA SER A 620 -18.92 -21.28 0.58
C SER A 620 -18.67 -20.15 1.59
N ASN A 621 -19.24 -20.27 2.79
CA ASN A 621 -18.96 -19.27 3.85
C ASN A 621 -17.46 -19.29 4.18
N ASP A 622 -16.79 -20.44 4.12
CA ASP A 622 -15.39 -20.58 4.62
C ASP A 622 -14.41 -21.07 3.53
N SER A 623 -14.77 -21.09 2.24
CA SER A 623 -13.90 -21.61 1.16
C SER A 623 -14.36 -21.17 -0.23
N ILE A 624 -13.39 -21.05 -1.15
CA ILE A 624 -13.59 -20.92 -2.61
C ILE A 624 -12.88 -22.12 -3.28
N GLU A 625 -13.61 -22.79 -4.16
CA GLU A 625 -13.12 -23.93 -4.97
C GLU A 625 -13.13 -23.53 -6.44
N LEU A 626 -12.02 -23.65 -7.14
CA LEU A 626 -11.96 -23.38 -8.60
C LEU A 626 -11.31 -24.58 -9.29
N PRO A 627 -11.68 -24.86 -10.56
CA PRO A 627 -11.11 -26.00 -11.29
C PRO A 627 -9.64 -25.70 -11.67
N VAL A 628 -8.79 -26.71 -11.52
CA VAL A 628 -7.39 -26.68 -12.03
C VAL A 628 -7.40 -27.29 -13.45
N GLU A 629 -6.73 -26.64 -14.40
CA GLU A 629 -6.48 -27.18 -15.77
C GLU A 629 -5.52 -28.39 -15.69
N GLY A 630 -5.41 -29.15 -16.79
CA GLY A 630 -4.47 -30.28 -16.90
C GLY A 630 -4.87 -31.45 -16.03
N SER A 631 -3.91 -32.32 -15.67
CA SER A 631 -4.09 -33.57 -14.88
C SER A 631 -5.26 -34.40 -15.45
N VAL A 632 -5.31 -34.57 -16.78
CA VAL A 632 -6.47 -35.21 -17.51
C VAL A 632 -6.50 -36.69 -17.10
N GLY A 633 -7.69 -37.21 -16.73
CA GLY A 633 -7.89 -38.56 -16.16
C GLY A 633 -8.27 -38.51 -14.69
N ASN A 634 -7.54 -37.71 -13.89
CA ASN A 634 -7.75 -37.50 -12.43
C ASN A 634 -7.98 -35.99 -12.19
N GLU A 635 -8.94 -35.41 -12.91
CA GLU A 635 -9.27 -33.96 -12.97
C GLU A 635 -9.32 -33.35 -11.56
N LYS A 636 -9.07 -32.04 -11.47
CA LYS A 636 -8.61 -31.37 -10.22
C LYS A 636 -9.31 -30.03 -9.98
N SER A 637 -9.45 -29.70 -8.70
CA SER A 637 -9.92 -28.38 -8.20
C SER A 637 -9.05 -27.99 -7.00
N ILE A 638 -8.89 -26.69 -6.77
CA ILE A 638 -8.08 -26.13 -5.66
C ILE A 638 -9.05 -25.46 -4.67
N VAL A 639 -8.91 -25.75 -3.40
CA VAL A 639 -9.81 -25.21 -2.34
C VAL A 639 -8.99 -24.24 -1.49
N PHE A 640 -9.33 -22.95 -1.61
CA PHE A 640 -8.76 -21.88 -0.75
C PHE A 640 -9.61 -21.81 0.51
N SER A 641 -9.01 -21.96 1.68
CA SER A 641 -9.66 -21.59 2.96
C SER A 641 -9.53 -20.07 3.12
N VAL A 642 -10.29 -19.50 4.08
CA VAL A 642 -10.35 -18.04 4.36
C VAL A 642 -8.91 -17.54 4.58
N SER A 643 -8.04 -18.31 5.27
CA SER A 643 -6.64 -17.88 5.55
C SER A 643 -5.79 -17.84 4.26
N ASP A 644 -6.27 -18.39 3.13
CA ASP A 644 -5.57 -18.42 1.83
C ASP A 644 -6.09 -17.38 0.84
N TYR A 645 -7.11 -16.59 1.18
CA TYR A 645 -7.75 -15.68 0.20
C TYR A 645 -6.78 -14.59 -0.29
N GLY A 646 -5.71 -14.31 0.44
CA GLY A 646 -4.60 -13.46 -0.03
C GLY A 646 -3.83 -14.07 -1.19
N LYS A 647 -4.03 -15.35 -1.53
CA LYS A 647 -3.25 -16.10 -2.55
C LYS A 647 -4.09 -16.35 -3.81
N LEU A 648 -5.30 -15.78 -3.91
CA LEU A 648 -6.18 -16.09 -5.07
C LEU A 648 -5.52 -15.66 -6.39
N TYR A 649 -4.50 -14.81 -6.34
CA TYR A 649 -3.72 -14.39 -7.54
C TYR A 649 -2.99 -15.58 -8.19
N VAL A 650 -2.75 -16.71 -7.50
CA VAL A 650 -2.14 -17.90 -8.16
C VAL A 650 -3.02 -18.38 -9.32
N LEU A 651 -4.32 -18.10 -9.29
CA LEU A 651 -5.28 -18.41 -10.37
C LEU A 651 -4.95 -17.63 -11.64
N ASP A 652 -4.16 -16.55 -11.57
CA ASP A 652 -3.84 -15.72 -12.78
C ASP A 652 -2.91 -16.46 -13.74
N ASP A 653 -2.07 -17.41 -13.29
CA ASP A 653 -1.32 -18.30 -14.23
C ASP A 653 -1.88 -19.71 -14.11
N ALA A 654 -2.92 -19.98 -14.89
CA ALA A 654 -3.69 -21.23 -14.81
C ALA A 654 -2.85 -22.37 -15.37
N GLU A 655 -2.09 -22.12 -16.44
CA GLU A 655 -1.22 -23.16 -17.05
C GLU A 655 -0.17 -23.61 -16.01
N PHE A 656 0.47 -22.68 -15.31
CA PHE A 656 1.50 -23.01 -14.30
C PHE A 656 0.88 -23.81 -13.15
N LEU A 657 -0.28 -23.40 -12.66
CA LEU A 657 -0.96 -24.12 -11.54
C LEU A 657 -1.29 -25.54 -12.02
N GLY A 658 -1.74 -25.65 -13.27
CA GLY A 658 -2.07 -26.95 -13.87
C GLY A 658 -0.86 -27.86 -13.89
N ARG A 659 0.26 -27.35 -14.42
CA ARG A 659 1.51 -28.14 -14.49
C ARG A 659 2.07 -28.43 -13.10
N ILE A 660 1.93 -27.52 -12.16
CA ILE A 660 2.43 -27.71 -10.76
C ILE A 660 1.69 -28.93 -10.23
N CYS A 661 0.38 -28.98 -10.42
CA CYS A 661 -0.45 -30.07 -9.86
C CYS A 661 -0.11 -31.38 -10.61
N GLU A 662 -0.08 -31.34 -11.94
CA GLU A 662 0.22 -32.51 -12.81
C GLU A 662 1.59 -33.09 -12.45
N TYR A 663 2.64 -32.27 -12.31
CA TYR A 663 4.03 -32.75 -12.21
C TYR A 663 4.47 -33.00 -10.76
N PHE A 664 3.90 -32.32 -9.76
CA PHE A 664 4.37 -32.47 -8.37
C PHE A 664 3.36 -33.28 -7.55
N MSE A 665 2.19 -33.52 -8.09
CA MSE A 665 1.07 -34.14 -7.33
C MSE A 665 0.33 -35.10 -8.25
O MSE A 665 -0.89 -35.10 -8.24
CB MSE A 665 0.17 -33.03 -6.80
CG MSE A 665 0.34 -32.70 -5.34
SE MSE A 665 -0.45 -30.92 -5.05
CE MSE A 665 0.87 -29.73 -5.89
N PRO A 666 1.04 -35.94 -9.04
CA PRO A 666 0.41 -36.64 -10.18
C PRO A 666 -0.74 -37.58 -9.75
N HIS A 667 -0.67 -38.12 -8.52
CA HIS A 667 -1.63 -39.11 -7.97
C HIS A 667 -2.88 -38.46 -7.38
N GLU A 668 -2.81 -37.20 -6.93
CA GLU A 668 -3.98 -36.45 -6.37
C GLU A 668 -5.00 -36.20 -7.48
N LYS A 669 -6.28 -36.46 -7.20
CA LYS A 669 -7.43 -36.18 -8.11
C LYS A 669 -8.47 -35.41 -7.30
N GLY A 670 -9.37 -34.69 -8.00
CA GLY A 670 -10.47 -33.92 -7.38
C GLY A 670 -9.98 -32.69 -6.62
N LYS A 671 -10.52 -32.45 -5.43
CA LYS A 671 -10.36 -31.19 -4.64
C LYS A 671 -9.04 -31.24 -3.87
N ILE A 672 -8.14 -30.25 -4.06
CA ILE A 672 -6.86 -30.15 -3.30
C ILE A 672 -6.80 -28.84 -2.51
N ARG A 673 -6.38 -28.90 -1.26
CA ARG A 673 -6.24 -27.69 -0.42
C ARG A 673 -5.10 -26.83 -0.95
N TYR A 674 -5.31 -25.52 -0.98
CA TYR A 674 -4.23 -24.55 -1.29
C TYR A 674 -2.98 -24.92 -0.49
N HIS A 675 -3.10 -25.17 0.82
CA HIS A 675 -1.97 -25.49 1.73
C HIS A 675 -1.10 -26.60 1.11
N THR A 676 -1.75 -27.62 0.56
CA THR A 676 -1.15 -28.81 -0.12
C THR A 676 -0.50 -28.37 -1.45
N VAL A 677 -1.21 -27.58 -2.27
CA VAL A 677 -0.65 -27.00 -3.52
C VAL A 677 0.62 -26.20 -3.17
N TYR A 678 0.68 -25.50 -2.04
CA TYR A 678 1.86 -24.68 -1.68
C TYR A 678 3.01 -25.59 -1.21
N GLU A 679 2.72 -26.50 -0.30
CA GLU A 679 3.78 -27.29 0.39
C GLU A 679 4.38 -28.30 -0.60
N LYS A 680 3.54 -29.02 -1.34
CA LYS A 680 3.95 -30.13 -2.23
C LYS A 680 4.21 -29.59 -3.64
N GLY A 681 3.75 -28.38 -3.98
CA GLY A 681 3.79 -27.89 -5.38
C GLY A 681 4.71 -26.72 -5.53
N PHE A 682 4.27 -25.53 -5.09
CA PHE A 682 5.04 -24.28 -5.29
C PHE A 682 6.38 -24.35 -4.55
N ARG A 683 6.37 -24.81 -3.30
CA ARG A 683 7.62 -24.96 -2.49
C ARG A 683 8.56 -25.98 -3.15
N ALA A 684 8.02 -27.11 -3.60
CA ALA A 684 8.77 -28.16 -4.33
C ALA A 684 9.37 -27.57 -5.61
N TYR A 685 8.58 -26.81 -6.40
CA TYR A 685 9.07 -26.11 -7.61
C TYR A 685 10.25 -25.20 -7.26
N ASN A 686 10.09 -24.38 -6.23
CA ASN A 686 11.12 -23.39 -5.82
C ASN A 686 12.41 -24.14 -5.46
N ASP A 687 12.31 -25.26 -4.78
CA ASP A 687 13.48 -26.08 -4.33
C ASP A 687 14.22 -26.64 -5.57
N LEU A 688 13.45 -27.17 -6.53
CA LEU A 688 13.97 -27.74 -7.80
C LEU A 688 14.64 -26.63 -8.59
N GLN A 689 13.99 -25.45 -8.66
CA GLN A 689 14.45 -24.31 -9.47
C GLN A 689 15.84 -23.89 -8.99
N LYS A 690 16.05 -23.79 -7.68
CA LYS A 690 17.39 -23.41 -7.13
C LYS A 690 18.42 -24.42 -7.69
N LYS A 691 18.11 -25.72 -7.62
CA LYS A 691 19.05 -26.80 -7.99
C LYS A 691 19.34 -26.74 -9.48
N CYS A 692 18.33 -26.49 -10.33
CA CYS A 692 18.53 -26.43 -11.79
C CYS A 692 19.33 -25.18 -12.18
N VAL A 693 19.13 -24.05 -11.49
CA VAL A 693 19.86 -22.81 -11.85
C VAL A 693 21.32 -22.98 -11.43
N GLU A 694 21.56 -23.40 -10.20
CA GLU A 694 22.91 -23.73 -9.65
C GLU A 694 23.60 -24.72 -10.62
N ALA A 695 22.91 -25.81 -10.99
CA ALA A 695 23.40 -26.84 -11.96
C ALA A 695 23.80 -26.19 -13.28
N VAL A 696 22.94 -25.36 -13.86
CA VAL A 696 23.17 -24.76 -15.20
C VAL A 696 24.43 -23.88 -15.13
N LEU A 697 24.62 -23.15 -14.03
CA LEU A 697 25.75 -22.19 -13.87
C LEU A 697 27.06 -22.99 -13.68
N ALA A 698 27.06 -24.02 -12.85
CA ALA A 698 28.18 -24.99 -12.64
C ALA A 698 28.55 -25.67 -13.97
N PHE A 699 27.57 -26.04 -14.80
CA PHE A 699 27.74 -26.56 -16.18
C PHE A 699 28.53 -25.57 -17.04
N GLU A 700 28.05 -24.35 -17.19
CA GLU A 700 28.76 -23.27 -17.92
C GLU A 700 30.23 -23.17 -17.46
N GLU A 701 30.46 -23.10 -16.15
CA GLU A 701 31.81 -22.98 -15.53
C GLU A 701 32.70 -24.14 -16.01
N LYS A 702 32.26 -25.40 -15.82
CA LYS A 702 32.99 -26.64 -16.21
C LYS A 702 33.31 -26.63 -17.72
N VAL A 703 32.34 -26.29 -18.56
CA VAL A 703 32.46 -26.38 -20.05
C VAL A 703 33.28 -25.20 -20.57
N VAL A 704 33.24 -24.04 -19.91
CA VAL A 704 34.05 -22.87 -20.32
C VAL A 704 35.52 -23.12 -19.93
N LYS A 705 35.79 -23.88 -18.86
CA LYS A 705 37.17 -24.02 -18.30
C LYS A 705 37.82 -25.32 -18.81
N ALA A 706 37.06 -26.43 -18.90
CA ALA A 706 37.49 -27.69 -19.57
C ALA A 706 37.85 -27.39 -21.03
N LYS A 707 36.89 -26.96 -21.85
CA LYS A 707 37.09 -26.69 -23.30
C LYS A 707 37.76 -25.31 -23.48
N LYS A 708 38.11 -24.60 -22.40
CA LYS A 708 39.10 -23.47 -22.40
C LYS A 708 38.58 -22.35 -23.30
N MSE A 709 37.30 -22.00 -23.18
CA MSE A 709 36.55 -21.13 -24.13
C MSE A 709 36.80 -19.66 -23.84
O MSE A 709 37.21 -19.35 -22.70
CB MSE A 709 35.04 -21.37 -24.03
CG MSE A 709 34.68 -22.81 -24.10
SE MSE A 709 32.77 -22.99 -24.33
CE MSE A 709 32.21 -21.92 -25.88
N SER A 710 36.52 -18.81 -24.82
CA SER A 710 36.76 -17.34 -24.79
C SER A 710 35.56 -16.62 -25.42
N GLU A 711 35.34 -15.36 -25.05
CA GLU A 711 34.21 -14.53 -25.58
C GLU A 711 34.62 -14.03 -26.96
N LYS A 712 33.65 -13.65 -27.80
CA LYS A 712 33.91 -12.90 -29.07
C LYS A 712 34.59 -11.58 -28.69
N GLU A 713 35.47 -11.05 -29.55
CA GLU A 713 35.99 -9.66 -29.42
C GLU A 713 34.78 -8.72 -29.61
N GLY A 714 34.40 -7.98 -28.56
CA GLY A 714 33.26 -7.04 -28.54
C GLY A 714 31.95 -7.69 -28.08
N ALA A 715 32.03 -8.69 -27.20
CA ALA A 715 30.87 -9.38 -26.56
C ALA A 715 31.20 -9.64 -25.08
N HIS A 716 30.17 -9.69 -24.23
CA HIS A 716 30.32 -9.58 -22.75
C HIS A 716 30.38 -10.96 -22.07
N TYR A 717 29.82 -11.99 -22.70
CA TYR A 717 29.66 -13.36 -22.13
C TYR A 717 29.60 -14.36 -23.29
N ILE A 718 29.69 -15.64 -22.97
CA ILE A 718 29.47 -16.75 -23.94
C ILE A 718 27.98 -17.15 -23.86
N ASP A 719 27.24 -16.97 -24.96
CA ASP A 719 25.87 -17.50 -25.20
C ASP A 719 25.85 -18.97 -24.77
N PHE A 720 24.81 -19.38 -24.05
CA PHE A 720 24.59 -20.77 -23.55
C PHE A 720 24.41 -21.74 -24.72
N ARG A 721 23.95 -21.25 -25.88
CA ARG A 721 23.92 -21.95 -27.20
C ARG A 721 25.36 -22.34 -27.58
N GLU A 722 26.26 -21.36 -27.66
CA GLU A 722 27.71 -21.50 -28.00
C GLU A 722 28.41 -22.46 -27.02
N ILE A 723 27.91 -22.62 -25.79
CA ILE A 723 28.47 -23.56 -24.77
C ILE A 723 27.98 -24.97 -25.09
N LEU A 724 26.71 -25.11 -25.45
CA LEU A 724 26.13 -26.43 -25.81
C LEU A 724 26.77 -26.91 -27.12
N ALA A 725 26.88 -26.04 -28.12
CA ALA A 725 27.57 -26.25 -29.42
C ALA A 725 28.95 -26.92 -29.23
N GLN A 726 29.61 -26.73 -28.07
CA GLN A 726 30.94 -27.32 -27.75
C GLN A 726 30.82 -28.47 -26.74
N THR A 727 29.68 -29.15 -26.64
CA THR A 727 29.47 -30.30 -25.72
C THR A 727 29.53 -31.62 -26.50
N MSE A 728 29.49 -32.74 -25.76
CA MSE A 728 29.47 -34.13 -26.28
C MSE A 728 28.02 -34.66 -26.31
O MSE A 728 27.84 -35.88 -26.31
CB MSE A 728 30.42 -35.03 -25.47
CG MSE A 728 30.30 -34.95 -23.95
SE MSE A 728 29.14 -36.29 -23.14
CE MSE A 728 28.80 -37.83 -24.32
N CYS A 729 27.02 -33.75 -26.40
CA CYS A 729 25.57 -34.08 -26.31
C CYS A 729 24.98 -34.26 -27.71
N LYS A 730 23.97 -35.13 -27.79
CA LYS A 730 23.10 -35.32 -28.98
C LYS A 730 22.21 -34.07 -29.11
N GLU A 731 21.58 -33.88 -30.27
CA GLU A 731 20.69 -32.70 -30.56
C GLU A 731 19.53 -32.70 -29.57
N ALA A 732 18.85 -33.84 -29.41
CA ALA A 732 17.71 -34.04 -28.50
C ALA A 732 18.09 -33.63 -27.08
N GLU A 733 19.35 -33.86 -26.69
CA GLU A 733 19.86 -33.53 -25.34
C GLU A 733 20.02 -32.01 -25.24
N LYS A 734 20.62 -31.37 -26.25
CA LYS A 734 20.88 -29.91 -26.25
C LYS A 734 19.54 -29.16 -26.26
N THR A 735 18.58 -29.55 -27.11
CA THR A 735 17.21 -28.98 -27.16
C THR A 735 16.57 -28.99 -25.78
N ALA A 736 16.58 -30.14 -25.11
CA ALA A 736 15.91 -30.37 -23.81
C ALA A 736 16.60 -29.51 -22.75
N VAL A 737 17.94 -29.49 -22.76
CA VAL A 737 18.74 -28.76 -21.76
C VAL A 737 18.36 -27.29 -21.83
N ASN A 738 18.32 -26.73 -23.04
CA ASN A 738 18.00 -25.30 -23.24
C ASN A 738 16.57 -25.02 -22.76
N LYS A 739 15.61 -25.89 -23.06
CA LYS A 739 14.18 -25.68 -22.73
C LYS A 739 13.97 -25.76 -21.21
N VAL A 740 14.56 -26.76 -20.56
CA VAL A 740 14.46 -26.96 -19.09
C VAL A 740 15.18 -25.81 -18.38
N ALA A 741 16.37 -25.37 -18.86
CA ALA A 741 17.10 -24.22 -18.29
C ALA A 741 16.24 -22.96 -18.34
N ARG A 742 15.71 -22.65 -19.52
CA ARG A 742 14.89 -21.47 -19.79
C ARG A 742 13.66 -21.50 -18.88
N ALA A 743 13.07 -22.68 -18.66
CA ALA A 743 11.86 -22.86 -17.83
C ALA A 743 12.17 -22.48 -16.40
N PHE A 744 13.24 -23.02 -15.81
CA PHE A 744 13.63 -22.70 -14.42
C PHE A 744 14.12 -21.26 -14.29
N PHE A 745 14.86 -20.69 -15.23
CA PHE A 745 15.25 -19.27 -15.21
C PHE A 745 13.99 -18.38 -15.17
N ALA A 746 12.88 -18.75 -15.83
CA ALA A 746 11.74 -17.85 -15.98
C ALA A 746 10.58 -18.23 -15.07
N HIS A 747 10.73 -19.22 -14.18
CA HIS A 747 9.68 -19.67 -13.22
C HIS A 747 8.46 -20.22 -13.96
N HIS A 748 8.61 -21.13 -14.92
CA HIS A 748 7.47 -21.87 -15.50
C HIS A 748 7.85 -23.33 -15.71
N LEU A 749 6.90 -24.09 -16.26
CA LEU A 749 6.99 -25.55 -16.45
C LEU A 749 6.73 -25.91 -17.92
N LYS A 750 7.25 -25.10 -18.86
CA LYS A 750 7.05 -25.37 -20.33
C LYS A 750 8.10 -26.38 -20.83
N PHE A 751 7.97 -27.60 -20.33
CA PHE A 751 8.72 -28.77 -20.81
C PHE A 751 7.95 -30.03 -20.41
N VAL A 752 8.27 -31.15 -21.03
CA VAL A 752 7.66 -32.47 -20.67
C VAL A 752 8.64 -33.27 -19.80
N ILE A 753 8.09 -34.18 -19.00
CA ILE A 753 8.87 -35.00 -18.02
C ILE A 753 10.06 -35.66 -18.73
N ASP A 754 9.87 -36.17 -19.95
CA ASP A 754 10.96 -36.83 -20.73
C ASP A 754 12.08 -35.83 -20.97
N GLU A 755 11.77 -34.55 -21.20
CA GLU A 755 12.79 -33.51 -21.48
C GLU A 755 13.62 -33.21 -20.20
N PHE A 756 13.05 -33.34 -19.00
CA PHE A 756 13.80 -33.15 -17.74
C PHE A 756 14.76 -34.32 -17.53
N GLY A 757 14.34 -35.54 -17.90
CA GLY A 757 15.19 -36.74 -18.02
C GLY A 757 16.49 -36.45 -18.75
N LEU A 758 16.41 -35.88 -19.95
CA LEU A 758 17.53 -35.49 -20.85
C LEU A 758 18.41 -34.41 -20.22
N PHE A 759 17.81 -33.36 -19.64
CA PHE A 759 18.51 -32.31 -18.85
C PHE A 759 19.31 -32.96 -17.72
N SER A 760 18.65 -33.75 -16.89
CA SER A 760 19.21 -34.56 -15.78
C SER A 760 20.35 -35.48 -16.28
N ASP A 761 20.19 -36.14 -17.44
CA ASP A 761 21.24 -37.01 -18.07
C ASP A 761 22.48 -36.17 -18.34
N VAL A 762 22.33 -35.00 -18.95
CA VAL A 762 23.44 -34.13 -19.44
C VAL A 762 24.18 -33.54 -18.24
N MSE A 763 23.47 -33.20 -17.15
CA MSE A 763 24.07 -32.72 -15.88
C MSE A 763 24.91 -33.88 -15.30
O MSE A 763 26.07 -33.64 -14.92
CB MSE A 763 23.01 -32.24 -14.89
CG MSE A 763 22.24 -30.95 -15.27
SE MSE A 763 23.35 -29.44 -15.75
CE MSE A 763 23.40 -29.02 -17.62
N LYS A 764 24.36 -35.10 -15.24
CA LYS A 764 25.07 -36.28 -14.70
C LYS A 764 26.32 -36.55 -15.56
N LYS A 765 26.23 -36.40 -16.90
CA LYS A 765 27.33 -36.67 -17.88
C LYS A 765 28.49 -35.66 -17.70
N TYR A 766 28.26 -34.52 -17.04
CA TYR A 766 29.23 -33.41 -16.96
C TYR A 766 29.65 -33.16 -15.50
N GLY A 767 29.32 -34.07 -14.59
CA GLY A 767 29.85 -34.08 -13.21
C GLY A 767 28.90 -33.46 -12.21
N ILE A 768 28.10 -32.45 -12.63
CA ILE A 768 27.14 -31.75 -11.74
C ILE A 768 25.93 -32.66 -11.54
N GLU A 769 25.84 -33.36 -10.43
CA GLU A 769 24.55 -33.97 -10.02
C GLU A 769 23.88 -32.99 -9.04
N LYS A 770 22.62 -33.28 -8.71
CA LYS A 770 21.79 -32.63 -7.66
C LYS A 770 20.80 -33.73 -7.25
N GLU A 771 20.25 -33.67 -6.05
CA GLU A 771 19.12 -34.53 -5.60
C GLU A 771 17.82 -33.91 -6.16
N TRP A 772 17.49 -34.19 -7.43
CA TRP A 772 16.41 -33.49 -8.19
C TRP A 772 15.06 -33.68 -7.50
N LYS A 773 14.82 -34.85 -6.91
CA LYS A 773 13.53 -35.27 -6.31
C LYS A 773 12.44 -35.08 -7.37
N PHE A 774 12.77 -35.31 -8.64
CA PHE A 774 11.89 -34.98 -9.76
C PHE A 774 12.33 -35.81 -10.95
N PRO A 775 11.44 -36.50 -11.69
CA PRO A 775 10.00 -36.44 -11.51
C PRO A 775 9.52 -37.14 -10.24
N VAL A 776 8.23 -36.99 -9.93
CA VAL A 776 7.62 -37.40 -8.64
C VAL A 776 6.93 -38.77 -8.79
N LYS A 777 7.03 -39.59 -7.74
CA LYS A 777 6.38 -40.93 -7.54
C LYS A 777 5.02 -40.99 -8.25
CL CL C . -12.40 -12.03 -16.46
CL CL D . 1.70 -2.74 -7.89
CL CL E . 0.62 33.34 25.21
CL CL F . 5.61 -28.27 -23.04
CL CL G . -0.19 -31.57 3.15
C1 EDO H . -14.40 -3.58 5.32
O1 EDO H . -14.94 -3.48 6.64
C2 EDO H . -12.99 -4.10 5.17
O2 EDO H . -11.91 -3.17 5.30
C1 EDO I . -8.48 -2.01 9.38
O1 EDO I . -9.84 -1.66 9.59
C2 EDO I . -7.85 -2.70 10.54
O2 EDO I . -8.69 -3.68 11.13
C1 EDO J . -5.70 -13.08 3.52
O1 EDO J . -5.99 -12.04 2.63
C2 EDO J . -6.85 -13.97 3.73
O2 EDO J . -6.79 -14.67 4.95
C1 EDO K . -14.91 -14.00 3.53
O1 EDO K . -15.60 -15.24 3.41
C2 EDO K . -14.42 -13.79 4.90
O2 EDO K . -15.43 -13.31 5.77
C1 EDO L . -23.74 -20.53 0.51
O1 EDO L . -24.70 -19.77 1.25
C2 EDO L . -22.49 -20.87 1.26
O2 EDO L . -22.63 -20.99 2.67
C1 EDO M . -4.12 -4.89 4.73
O1 EDO M . -5.45 -4.44 4.96
C2 EDO M . -3.51 -4.54 3.41
O2 EDO M . -3.67 -3.18 3.04
C1 EDO N . -35.10 14.65 0.19
O1 EDO N . -34.12 15.60 -0.12
C2 EDO N . -36.40 14.97 -0.37
O2 EDO N . -37.15 13.86 -0.61
C1 EDO O . 8.55 -17.35 -5.38
O1 EDO O . 8.86 -16.02 -5.73
C2 EDO O . 7.83 -17.50 -4.07
O2 EDO O . 8.65 -17.41 -2.90
C1 EDO P . 13.79 12.83 2.10
O1 EDO P . 15.12 12.87 2.56
C2 EDO P . 12.82 13.32 3.14
O2 EDO P . 12.39 14.67 2.97
C1 EDO Q . 7.55 -5.45 4.96
O1 EDO Q . 7.13 -4.22 4.36
C2 EDO Q . 9.00 -5.84 4.73
O2 EDO Q . 9.83 -6.06 5.93
C1 EDO R . -27.79 -10.69 0.42
O1 EDO R . -28.12 -10.95 -0.93
C2 EDO R . -28.90 -10.84 1.41
O2 EDO R . -28.80 -11.95 2.34
C1 EDO S . -30.53 29.93 -8.67
O1 EDO S . -30.89 31.26 -9.02
C2 EDO S . -31.11 29.48 -7.38
O2 EDO S . -31.29 28.07 -7.31
C1 EDO T . -19.84 35.34 9.52
O1 EDO T . -20.17 35.92 8.26
C2 EDO T . -20.93 35.38 10.53
O2 EDO T . -21.79 34.27 10.42
C1 EDO U . -11.28 -21.59 7.18
O1 EDO U . -11.82 -21.15 5.93
C2 EDO U . -10.35 -20.63 7.86
O2 EDO U . -9.15 -20.29 7.15
C1 EDO V . 14.88 -19.29 -2.18
O1 EDO V . 15.95 -18.60 -1.56
C2 EDO V . 14.84 -20.76 -1.95
O2 EDO V . 14.27 -21.46 -3.01
C1 EDO W . -12.62 15.94 2.96
O1 EDO W . -13.70 16.50 2.36
C2 EDO W . -12.48 16.51 4.29
O2 EDO W . -11.56 15.85 5.07
C1 EDO X . -3.34 7.49 -7.85
O1 EDO X . -4.12 7.51 -9.04
C2 EDO X . -3.43 8.76 -7.06
O2 EDO X . -2.87 8.64 -5.75
C1 EDO Y . -11.61 -5.39 30.79
O1 EDO Y . -12.22 -4.11 30.68
C2 EDO Y . -10.20 -5.52 30.23
O2 EDO Y . -9.76 -4.54 29.26
C1 EDO Z . -9.16 4.75 -3.72
O1 EDO Z . -9.32 4.26 -5.03
C2 EDO Z . -7.81 5.18 -3.31
O2 EDO Z . -7.77 6.43 -2.58
BR BR AA . 3.78 -23.33 -17.31
MG MG BA . -18.24 19.37 13.53
MG MG CA . -5.62 29.74 7.25
MG MG DA . -7.12 27.02 5.61
C1 EDO EA . -9.02 15.58 10.77
O1 EDO EA . -10.14 15.27 11.53
C2 EDO EA . -7.97 16.30 11.53
O2 EDO EA . -6.69 15.82 11.22
C1 EDO FA . -18.21 4.30 21.67
O1 EDO FA . -19.36 3.52 21.98
C2 EDO FA . -17.64 4.98 22.86
O2 EDO FA . -17.44 4.10 23.95
C1 EDO GA . -16.14 19.57 24.64
O1 EDO GA . -17.26 18.83 25.04
C2 EDO GA . -14.88 18.92 25.06
O2 EDO GA . -14.48 17.92 24.15
#